data_3LZD
#
_entry.id   3LZD
#
_cell.length_a   55.695
_cell.length_b   80.525
_cell.length_c   162.142
_cell.angle_alpha   90.000
_cell.angle_beta   90.000
_cell.angle_gamma   90.000
#
_symmetry.space_group_name_H-M   'P 21 21 21'
#
loop_
_entity.id
_entity.type
_entity.pdbx_description
1 polymer Dph2
2 non-polymer 'IRON/SULFUR CLUSTER'
3 non-polymer 'SULFATE ION'
4 water water
#
_entity_poly.entity_id   1
_entity_poly.type   'polypeptide(L)'
_entity_poly.pdbx_seq_one_letter_code
;MGSHHHHHHDITSLYKKAGSAAAVLEENLYFQGSFTMLHEIPKSEILKELKRIGAKRVLIQSPEGLRREAEELAGFLEEN
NIEVFLHGEINYGACDPADREAKLVGCDALIHLGHSYMKLPLEVPTIFVPAFARVSVVEALKENIGEIKKLGRKIIVTTT
AQHIHQLKEAKEFLESEGFEVSIGRGDSRISWPGQVLGCNYSVAKVRGEGILFIGSGIFHPLGLAVATRKKVLAIDPYTK
AFSWIDPERFIRKRWAQIAKAMDAKKFGVIVSIKKGQLRLAEAKRIVKLLKKHGREARLIVMNDVNYHKLEGFPFEAYVV
VACPRVPLDDYGAWRKPVLTPKEVEILLGLREEYEFDEILGGPRESDEPFGISIHSTR
;
_entity_poly.pdbx_strand_id   A,B
#
# COMPACT_ATOMS: atom_id res chain seq x y z
N LEU A 38 -2.50 -32.13 -4.35
CA LEU A 38 -3.22 -31.22 -5.28
C LEU A 38 -4.15 -30.29 -4.52
N HIS A 39 -4.72 -30.80 -3.42
CA HIS A 39 -5.62 -30.01 -2.59
C HIS A 39 -4.93 -29.64 -1.29
N GLU A 40 -3.60 -29.77 -1.28
CA GLU A 40 -2.79 -29.43 -0.12
C GLU A 40 -1.49 -28.76 -0.56
N ILE A 41 -0.84 -28.07 0.37
CA ILE A 41 0.42 -27.42 0.06
C ILE A 41 1.51 -28.50 0.09
N PRO A 42 2.06 -28.84 -1.08
CA PRO A 42 3.11 -29.86 -1.13
C PRO A 42 4.42 -29.33 -0.51
N LYS A 43 4.46 -29.29 0.82
CA LYS A 43 5.63 -28.79 1.55
C LYS A 43 6.93 -29.34 0.99
N SER A 44 6.98 -30.66 0.81
CA SER A 44 8.18 -31.31 0.29
C SER A 44 8.49 -30.98 -1.17
N GLU A 45 7.47 -30.87 -2.01
CA GLU A 45 7.76 -30.52 -3.40
C GLU A 45 8.34 -29.09 -3.42
N ILE A 46 7.88 -28.26 -2.49
CA ILE A 46 8.35 -26.88 -2.44
C ILE A 46 9.80 -26.82 -1.94
N LEU A 47 10.12 -27.57 -0.89
CA LEU A 47 11.47 -27.60 -0.37
C LEU A 47 12.40 -28.08 -1.50
N LYS A 48 12.01 -29.16 -2.16
CA LYS A 48 12.79 -29.73 -3.26
C LYS A 48 13.15 -28.68 -4.30
N GLU A 49 12.15 -27.97 -4.81
CA GLU A 49 12.42 -26.95 -5.80
C GLU A 49 13.27 -25.81 -5.24
N LEU A 50 13.20 -25.58 -3.94
CA LEU A 50 14.00 -24.51 -3.34
C LEU A 50 15.45 -24.98 -3.13
N LYS A 51 15.65 -26.22 -2.66
CA LYS A 51 16.99 -26.77 -2.44
C LYS A 51 17.70 -26.87 -3.78
N ARG A 52 16.92 -27.14 -4.83
CA ARG A 52 17.44 -27.28 -6.18
C ARG A 52 18.03 -25.98 -6.73
N ILE A 53 17.47 -24.83 -6.37
CA ILE A 53 18.04 -23.59 -6.88
C ILE A 53 18.93 -22.93 -5.84
N GLY A 54 19.18 -23.63 -4.74
CA GLY A 54 20.03 -23.09 -3.69
C GLY A 54 19.51 -21.87 -2.94
N ALA A 55 18.20 -21.78 -2.78
CA ALA A 55 17.61 -20.64 -2.09
C ALA A 55 17.84 -20.72 -0.58
N LYS A 56 18.24 -19.60 0.01
CA LYS A 56 18.49 -19.53 1.44
C LYS A 56 17.48 -18.64 2.18
N ARG A 57 16.93 -17.66 1.49
CA ARG A 57 15.98 -16.72 2.10
C ARG A 57 14.80 -16.51 1.14
N VAL A 58 13.60 -16.86 1.59
CA VAL A 58 12.44 -16.72 0.73
C VAL A 58 11.30 -15.92 1.36
N LEU A 59 10.54 -15.24 0.49
CA LEU A 59 9.39 -14.44 0.92
C LEU A 59 8.13 -15.19 0.50
N ILE A 60 7.14 -15.27 1.39
CA ILE A 60 5.91 -15.98 1.06
C ILE A 60 4.70 -15.05 1.06
N GLN A 61 4.01 -14.92 -0.07
CA GLN A 61 2.80 -14.09 -0.03
C GLN A 61 1.59 -15.02 0.01
N SER A 62 0.48 -14.52 0.54
CA SER A 62 -0.72 -15.35 0.64
C SER A 62 -2.01 -14.54 0.63
N PRO A 63 -3.10 -15.14 0.12
CA PRO A 63 -4.40 -14.47 0.08
C PRO A 63 -5.01 -14.63 1.46
N GLU A 64 -6.13 -13.95 1.71
CA GLU A 64 -6.82 -13.99 2.99
C GLU A 64 -7.11 -15.37 3.55
N GLY A 65 -7.57 -16.28 2.69
CA GLY A 65 -7.90 -17.61 3.16
C GLY A 65 -6.76 -18.58 3.47
N LEU A 66 -5.52 -18.18 3.23
CA LEU A 66 -4.40 -19.08 3.49
C LEU A 66 -3.32 -18.46 4.38
N ARG A 67 -3.72 -17.54 5.26
CA ARG A 67 -2.75 -16.88 6.15
C ARG A 67 -2.09 -17.84 7.12
N ARG A 68 -2.86 -18.76 7.68
CA ARG A 68 -2.33 -19.73 8.63
C ARG A 68 -1.47 -20.77 7.88
N GLU A 69 -1.84 -21.09 6.65
CA GLU A 69 -1.07 -22.07 5.87
C GLU A 69 0.30 -21.47 5.53
N ALA A 70 0.35 -20.16 5.31
CA ALA A 70 1.60 -19.48 5.00
C ALA A 70 2.58 -19.66 6.15
N GLU A 71 2.13 -19.44 7.39
CA GLU A 71 3.00 -19.57 8.56
C GLU A 71 3.45 -21.01 8.85
N GLU A 72 2.60 -22.00 8.55
CA GLU A 72 2.96 -23.40 8.77
C GLU A 72 4.02 -23.81 7.75
N LEU A 73 3.87 -23.32 6.52
CA LEU A 73 4.83 -23.61 5.48
C LEU A 73 6.19 -23.00 5.85
N ALA A 74 6.15 -21.78 6.40
CA ALA A 74 7.36 -21.06 6.81
C ALA A 74 8.06 -21.84 7.92
N GLY A 75 7.28 -22.29 8.90
CA GLY A 75 7.86 -23.07 10.01
C GLY A 75 8.54 -24.32 9.47
N PHE A 76 7.90 -24.96 8.50
CA PHE A 76 8.45 -26.16 7.89
C PHE A 76 9.75 -25.87 7.14
N LEU A 77 9.77 -24.80 6.35
CA LEU A 77 10.96 -24.48 5.59
C LEU A 77 12.13 -24.06 6.48
N GLU A 78 11.85 -23.34 7.57
CA GLU A 78 12.90 -22.92 8.48
C GLU A 78 13.55 -24.10 9.22
N GLU A 79 12.81 -25.20 9.37
CA GLU A 79 13.35 -26.38 10.03
C GLU A 79 14.25 -27.10 9.05
N ASN A 80 14.32 -26.58 7.83
CA ASN A 80 15.14 -27.18 6.79
C ASN A 80 16.18 -26.22 6.23
N ASN A 81 16.64 -25.31 7.10
CA ASN A 81 17.69 -24.38 6.74
C ASN A 81 17.43 -23.34 5.69
N ILE A 82 16.22 -22.78 5.70
CA ILE A 82 15.87 -21.73 4.76
C ILE A 82 15.22 -20.63 5.58
N GLU A 83 15.77 -19.43 5.53
CA GLU A 83 15.21 -18.32 6.29
C GLU A 83 13.94 -17.90 5.54
N VAL A 84 12.87 -17.68 6.29
CA VAL A 84 11.58 -17.33 5.69
C VAL A 84 10.96 -16.06 6.25
N PHE A 85 10.51 -15.20 5.34
CA PHE A 85 9.82 -13.95 5.68
C PHE A 85 8.39 -14.09 5.12
N LEU A 86 7.41 -13.57 5.83
CA LEU A 86 6.04 -13.59 5.36
C LEU A 86 5.74 -12.19 4.82
N HIS A 87 5.07 -12.11 3.68
CA HIS A 87 4.72 -10.80 3.15
C HIS A 87 3.45 -10.43 3.92
N GLY A 88 3.47 -9.28 4.59
CA GLY A 88 2.33 -8.85 5.39
C GLY A 88 1.10 -8.34 4.65
N GLU A 89 1.28 -7.90 3.41
CA GLU A 89 0.17 -7.40 2.64
C GLU A 89 -0.77 -8.57 2.35
N ILE A 90 -2.03 -8.29 2.07
CA ILE A 90 -2.99 -9.33 1.73
C ILE A 90 -2.98 -9.38 0.21
N ASN A 91 -2.74 -10.56 -0.34
CA ASN A 91 -2.67 -10.65 -1.78
C ASN A 91 -3.99 -11.03 -2.45
N TYR A 92 -4.26 -10.45 -3.61
CA TYR A 92 -5.50 -10.77 -4.31
C TYR A 92 -5.36 -11.45 -5.68
N GLY A 93 -4.14 -11.72 -6.12
CA GLY A 93 -3.96 -12.38 -7.40
C GLY A 93 -2.51 -12.44 -7.86
N ALA A 94 -2.23 -13.27 -8.86
CA ALA A 94 -0.88 -13.41 -9.40
C ALA A 94 -0.52 -12.17 -10.20
N CYS A 95 -1.48 -11.27 -10.33
CA CYS A 95 -1.26 -10.02 -11.05
C CYS A 95 -0.50 -9.08 -10.13
N ASP A 96 -0.30 -9.49 -8.88
CA ASP A 96 0.41 -8.66 -7.91
C ASP A 96 1.51 -9.45 -7.19
N PRO A 97 2.53 -9.91 -7.93
CA PRO A 97 3.66 -10.68 -7.40
C PRO A 97 4.48 -9.77 -6.50
N ALA A 98 5.04 -10.29 -5.41
CA ALA A 98 5.85 -9.47 -4.51
C ALA A 98 7.34 -9.69 -4.77
N ASP A 99 7.71 -9.91 -6.03
CA ASP A 99 9.10 -10.17 -6.36
C ASP A 99 10.02 -8.98 -6.08
N ARG A 100 9.54 -7.78 -6.37
CA ARG A 100 10.35 -6.60 -6.12
C ARG A 100 10.59 -6.46 -4.62
N GLU A 101 9.53 -6.58 -3.82
CA GLU A 101 9.69 -6.46 -2.38
C GLU A 101 10.69 -7.51 -1.90
N ALA A 102 10.55 -8.73 -2.40
CA ALA A 102 11.44 -9.81 -2.04
C ALA A 102 12.88 -9.36 -2.33
N LYS A 103 13.09 -8.81 -3.51
CA LYS A 103 14.41 -8.32 -3.89
C LYS A 103 14.93 -7.30 -2.88
N LEU A 104 14.05 -6.37 -2.49
CA LEU A 104 14.39 -5.32 -1.53
C LEU A 104 14.83 -5.76 -0.14
N VAL A 105 14.44 -6.96 0.28
CA VAL A 105 14.84 -7.45 1.57
C VAL A 105 15.78 -8.64 1.44
N GLY A 106 16.36 -8.79 0.26
CA GLY A 106 17.30 -9.87 0.05
C GLY A 106 16.85 -11.32 0.02
N CYS A 107 15.65 -11.58 -0.48
CA CYS A 107 15.19 -12.96 -0.59
C CYS A 107 15.62 -13.41 -1.97
N ASP A 108 16.09 -14.65 -2.07
CA ASP A 108 16.53 -15.15 -3.35
C ASP A 108 15.39 -15.84 -4.08
N ALA A 109 14.22 -15.90 -3.44
CA ALA A 109 13.06 -16.52 -4.09
C ALA A 109 11.76 -16.08 -3.43
N LEU A 110 10.68 -16.28 -4.17
CA LEU A 110 9.34 -15.90 -3.72
C LEU A 110 8.38 -17.08 -3.81
N ILE A 111 7.56 -17.28 -2.81
CA ILE A 111 6.56 -18.34 -2.86
C ILE A 111 5.23 -17.59 -2.93
N HIS A 112 4.45 -17.84 -3.98
CA HIS A 112 3.18 -17.17 -4.16
C HIS A 112 2.04 -18.15 -3.92
N LEU A 113 1.40 -18.09 -2.76
CA LEU A 113 0.34 -19.04 -2.46
C LEU A 113 -1.03 -18.64 -2.98
N GLY A 114 -1.83 -19.66 -3.32
CA GLY A 114 -3.19 -19.44 -3.74
C GLY A 114 -3.54 -19.10 -5.17
N HIS A 115 -2.55 -18.79 -6.00
CA HIS A 115 -2.85 -18.46 -7.38
C HIS A 115 -1.82 -19.06 -8.30
N SER A 116 -2.22 -19.28 -9.56
CA SER A 116 -1.32 -19.83 -10.56
C SER A 116 -0.70 -18.65 -11.32
N TYR A 117 0.36 -18.96 -12.04
CA TYR A 117 1.12 -17.97 -12.79
C TYR A 117 0.43 -17.32 -13.97
N MET A 118 0.65 -16.00 -14.12
CA MET A 118 0.16 -15.26 -15.28
C MET A 118 1.43 -14.60 -15.82
N LYS A 119 1.57 -14.51 -17.14
CA LYS A 119 2.78 -13.94 -17.72
C LYS A 119 3.16 -12.55 -17.24
N LEU A 120 4.34 -12.45 -16.65
CA LEU A 120 4.87 -11.19 -16.13
C LEU A 120 6.35 -11.34 -15.85
N PRO A 121 7.11 -10.26 -15.96
CA PRO A 121 8.53 -10.44 -15.66
C PRO A 121 8.65 -10.58 -14.14
N LEU A 122 9.54 -11.43 -13.67
CA LEU A 122 9.75 -11.66 -12.24
C LEU A 122 11.22 -11.42 -11.89
N GLU A 123 11.47 -10.70 -10.80
CA GLU A 123 12.83 -10.39 -10.38
C GLU A 123 13.56 -11.50 -9.63
N VAL A 124 12.81 -12.46 -9.10
CA VAL A 124 13.43 -13.59 -8.40
C VAL A 124 12.65 -14.87 -8.73
N PRO A 125 13.30 -16.03 -8.61
CA PRO A 125 12.56 -17.26 -8.92
C PRO A 125 11.29 -17.28 -8.07
N THR A 126 10.17 -17.61 -8.68
CA THR A 126 8.92 -17.63 -7.97
C THR A 126 8.19 -18.96 -8.10
N ILE A 127 7.76 -19.50 -6.98
CA ILE A 127 7.00 -20.75 -6.98
C ILE A 127 5.53 -20.36 -6.74
N PHE A 128 4.66 -20.75 -7.67
CA PHE A 128 3.21 -20.47 -7.55
C PHE A 128 2.55 -21.75 -7.05
N VAL A 129 1.75 -21.62 -6.00
CA VAL A 129 1.07 -22.77 -5.39
C VAL A 129 -0.46 -22.59 -5.47
N PRO A 130 -1.04 -22.88 -6.63
CA PRO A 130 -2.48 -22.76 -6.88
C PRO A 130 -3.35 -23.53 -5.86
N ALA A 131 -4.51 -22.97 -5.55
CA ALA A 131 -5.44 -23.61 -4.62
C ALA A 131 -6.51 -24.32 -5.45
N PHE A 132 -6.74 -25.59 -5.14
CA PHE A 132 -7.73 -26.38 -5.84
C PHE A 132 -8.78 -26.86 -4.86
N ALA A 133 -10.05 -26.51 -5.13
CA ALA A 133 -11.15 -26.93 -4.27
C ALA A 133 -11.45 -28.39 -4.55
N ARG A 134 -11.76 -29.15 -3.52
CA ARG A 134 -12.03 -30.56 -3.68
C ARG A 134 -13.37 -30.90 -4.33
N VAL A 135 -14.40 -30.09 -4.09
CA VAL A 135 -15.73 -30.40 -4.61
C VAL A 135 -15.84 -30.93 -6.04
N SER A 136 -16.50 -32.08 -6.18
CA SER A 136 -16.73 -32.67 -7.51
C SER A 136 -17.89 -31.89 -8.12
N VAL A 137 -17.75 -31.44 -9.37
CA VAL A 137 -18.81 -30.66 -9.98
C VAL A 137 -19.89 -31.42 -10.77
N VAL A 138 -19.62 -32.67 -11.13
CA VAL A 138 -20.58 -33.43 -11.93
C VAL A 138 -22.00 -33.53 -11.37
N GLU A 139 -22.15 -33.92 -10.11
CA GLU A 139 -23.48 -34.04 -9.52
C GLU A 139 -24.33 -32.78 -9.75
N ALA A 140 -23.72 -31.61 -9.59
CA ALA A 140 -24.44 -30.36 -9.77
C ALA A 140 -24.84 -30.11 -11.22
N LEU A 141 -24.10 -30.68 -12.17
CA LEU A 141 -24.44 -30.51 -13.57
C LEU A 141 -25.57 -31.45 -13.93
N LYS A 142 -25.50 -32.67 -13.40
CA LYS A 142 -26.52 -33.68 -13.67
C LYS A 142 -27.87 -33.16 -13.21
N GLU A 143 -27.88 -32.59 -12.02
CA GLU A 143 -29.07 -32.04 -11.39
C GLU A 143 -29.72 -30.95 -12.25
N ASN A 144 -28.90 -30.19 -12.97
CA ASN A 144 -29.42 -29.10 -13.78
C ASN A 144 -29.31 -29.36 -15.26
N ILE A 145 -29.24 -30.63 -15.63
CA ILE A 145 -29.10 -30.99 -17.04
C ILE A 145 -30.21 -30.37 -17.89
N GLY A 146 -31.40 -30.21 -17.30
CA GLY A 146 -32.50 -29.63 -18.05
C GLY A 146 -32.27 -28.17 -18.42
N GLU A 147 -31.56 -27.45 -17.56
CA GLU A 147 -31.29 -26.05 -17.83
C GLU A 147 -30.12 -25.92 -18.80
N ILE A 148 -29.12 -26.80 -18.65
CA ILE A 148 -27.95 -26.73 -19.53
C ILE A 148 -28.38 -26.94 -20.97
N LYS A 149 -29.36 -27.81 -21.17
CA LYS A 149 -29.89 -28.11 -22.50
C LYS A 149 -30.33 -26.83 -23.22
N LYS A 150 -30.86 -25.86 -22.46
CA LYS A 150 -31.31 -24.60 -23.06
C LYS A 150 -30.17 -23.73 -23.58
N LEU A 151 -28.94 -24.11 -23.28
CA LEU A 151 -27.82 -23.33 -23.80
C LEU A 151 -27.61 -23.73 -25.27
N GLY A 152 -28.05 -24.93 -25.63
CA GLY A 152 -27.89 -25.39 -27.00
C GLY A 152 -27.02 -26.64 -27.10
N ARG A 153 -26.83 -27.15 -28.31
CA ARG A 153 -26.01 -28.34 -28.52
C ARG A 153 -24.53 -28.04 -28.29
N LYS A 154 -24.06 -26.96 -28.92
CA LYS A 154 -22.66 -26.55 -28.77
C LYS A 154 -22.54 -25.52 -27.64
N ILE A 155 -21.94 -25.93 -26.54
CA ILE A 155 -21.78 -25.03 -25.40
C ILE A 155 -20.33 -24.73 -25.05
N ILE A 156 -20.12 -23.57 -24.44
CA ILE A 156 -18.80 -23.12 -24.02
C ILE A 156 -18.76 -23.33 -22.50
N VAL A 157 -17.73 -24.01 -22.02
CA VAL A 157 -17.64 -24.27 -20.59
C VAL A 157 -16.49 -23.52 -19.95
N THR A 158 -16.80 -22.84 -18.85
CA THR A 158 -15.85 -22.02 -18.12
C THR A 158 -15.96 -22.22 -16.61
N THR A 159 -14.89 -21.89 -15.91
CA THR A 159 -14.87 -21.99 -14.45
C THR A 159 -13.73 -21.13 -13.93
N THR A 160 -13.59 -21.04 -12.62
CA THR A 160 -12.53 -20.27 -12.00
C THR A 160 -11.40 -21.24 -11.63
N ALA A 161 -10.25 -20.69 -11.26
CA ALA A 161 -9.06 -21.45 -10.92
C ALA A 161 -9.27 -22.62 -9.96
N GLN A 162 -10.03 -22.39 -8.89
CA GLN A 162 -10.26 -23.42 -7.89
C GLN A 162 -11.00 -24.68 -8.34
N HIS A 163 -11.70 -24.61 -9.47
CA HIS A 163 -12.42 -25.79 -9.98
C HIS A 163 -11.87 -26.25 -11.32
N ILE A 164 -10.76 -25.66 -11.75
CA ILE A 164 -10.17 -25.96 -13.06
C ILE A 164 -9.80 -27.42 -13.30
N HIS A 165 -9.35 -28.12 -12.25
CA HIS A 165 -9.00 -29.52 -12.37
C HIS A 165 -10.25 -30.34 -12.64
N GLN A 166 -11.42 -29.76 -12.36
CA GLN A 166 -12.67 -30.47 -12.58
C GLN A 166 -13.27 -30.30 -13.98
N LEU A 167 -12.65 -29.44 -14.79
CA LEU A 167 -13.15 -29.20 -16.15
C LEU A 167 -13.15 -30.43 -17.05
N LYS A 168 -12.15 -31.29 -16.91
CA LYS A 168 -12.07 -32.51 -17.72
C LYS A 168 -13.29 -33.39 -17.46
N GLU A 169 -13.66 -33.54 -16.20
CA GLU A 169 -14.81 -34.34 -15.81
C GLU A 169 -16.11 -33.71 -16.31
N ALA A 170 -16.23 -32.41 -16.13
CA ALA A 170 -17.41 -31.69 -16.58
C ALA A 170 -17.55 -31.91 -18.10
N LYS A 171 -16.43 -31.85 -18.82
CA LYS A 171 -16.47 -32.05 -20.26
C LYS A 171 -16.96 -33.44 -20.66
N GLU A 172 -16.36 -34.47 -20.09
CA GLU A 172 -16.73 -35.86 -20.39
C GLU A 172 -18.21 -36.10 -20.10
N PHE A 173 -18.70 -35.51 -19.01
CA PHE A 173 -20.09 -35.67 -18.67
C PHE A 173 -20.99 -34.99 -19.70
N LEU A 174 -20.75 -33.71 -19.96
CA LEU A 174 -21.58 -33.01 -20.94
C LEU A 174 -21.52 -33.66 -22.31
N GLU A 175 -20.37 -34.21 -22.67
CA GLU A 175 -20.25 -34.88 -23.97
C GLU A 175 -21.02 -36.19 -23.93
N SER A 176 -20.94 -36.90 -22.80
CA SER A 176 -21.66 -38.15 -22.66
C SER A 176 -23.17 -37.89 -22.63
N GLU A 177 -23.56 -36.62 -22.50
CA GLU A 177 -24.98 -36.31 -22.49
C GLU A 177 -25.41 -35.77 -23.86
N GLY A 178 -24.47 -35.75 -24.80
CA GLY A 178 -24.79 -35.28 -26.13
C GLY A 178 -24.37 -33.88 -26.50
N PHE A 179 -23.73 -33.17 -25.58
CA PHE A 179 -23.30 -31.82 -25.91
C PHE A 179 -21.97 -31.83 -26.65
N GLU A 180 -21.71 -30.75 -27.39
CA GLU A 180 -20.43 -30.56 -28.04
C GLU A 180 -19.70 -29.45 -27.29
N VAL A 181 -18.72 -29.85 -26.47
CA VAL A 181 -18.11 -28.92 -25.53
C VAL A 181 -16.93 -28.15 -26.08
N SER A 182 -17.04 -26.83 -26.05
CA SER A 182 -15.99 -25.95 -26.53
C SER A 182 -15.28 -25.27 -25.34
N ILE A 183 -13.97 -25.40 -25.28
CA ILE A 183 -13.21 -24.79 -24.19
C ILE A 183 -12.07 -23.95 -24.78
N GLY A 184 -12.11 -22.65 -24.52
CA GLY A 184 -11.08 -21.76 -25.04
C GLY A 184 -9.78 -21.80 -24.27
N ARG A 185 -8.66 -21.63 -24.97
CA ARG A 185 -7.37 -21.66 -24.29
C ARG A 185 -7.12 -20.43 -23.44
N GLY A 186 -7.62 -19.27 -23.88
CA GLY A 186 -7.37 -18.05 -23.14
C GLY A 186 -6.01 -17.48 -23.53
N ASP A 187 -5.70 -16.28 -23.07
CA ASP A 187 -4.43 -15.64 -23.42
C ASP A 187 -3.37 -15.80 -22.34
N SER A 188 -2.32 -15.00 -22.40
CA SER A 188 -1.20 -15.10 -21.45
C SER A 188 -1.51 -14.69 -20.03
N ARG A 189 -2.64 -14.03 -19.84
CA ARG A 189 -3.08 -13.63 -18.50
C ARG A 189 -3.74 -14.85 -17.80
N ILE A 190 -4.16 -15.83 -18.61
CA ILE A 190 -4.80 -17.07 -18.13
C ILE A 190 -3.78 -18.20 -17.96
N SER A 191 -4.03 -19.10 -17.01
CA SER A 191 -3.13 -20.22 -16.73
C SER A 191 -3.53 -21.56 -17.37
N TRP A 192 -4.83 -21.80 -17.51
CA TRP A 192 -5.31 -23.05 -18.07
C TRP A 192 -6.53 -22.81 -18.97
N PRO A 193 -6.72 -23.67 -20.01
CA PRO A 193 -7.88 -23.50 -20.89
C PRO A 193 -9.17 -23.57 -20.03
N GLY A 194 -10.15 -22.72 -20.31
CA GLY A 194 -11.39 -22.74 -19.55
C GLY A 194 -11.45 -21.87 -18.31
N GLN A 195 -10.31 -21.33 -17.88
CA GLN A 195 -10.27 -20.48 -16.70
C GLN A 195 -10.60 -19.00 -16.96
N VAL A 196 -11.49 -18.44 -16.16
CA VAL A 196 -11.79 -17.03 -16.34
C VAL A 196 -11.28 -16.31 -15.08
N LEU A 197 -11.02 -15.02 -15.23
CA LEU A 197 -10.58 -14.17 -14.12
C LEU A 197 -11.62 -13.05 -14.16
N GLY A 198 -11.75 -12.33 -13.06
CA GLY A 198 -12.71 -11.24 -13.00
C GLY A 198 -12.47 -10.22 -14.10
N CYS A 199 -11.22 -10.10 -14.53
CA CYS A 199 -10.84 -9.12 -15.55
C CYS A 199 -10.47 -9.75 -16.89
N ASN A 200 -10.67 -11.05 -17.05
CA ASN A 200 -10.32 -11.66 -18.32
C ASN A 200 -11.19 -12.85 -18.66
N TYR A 201 -11.93 -12.72 -19.75
CA TYR A 201 -12.80 -13.79 -20.18
C TYR A 201 -12.41 -14.33 -21.54
N SER A 202 -11.12 -14.25 -21.85
CA SER A 202 -10.64 -14.72 -23.14
C SER A 202 -10.99 -16.18 -23.45
N VAL A 203 -11.03 -17.05 -22.44
CA VAL A 203 -11.35 -18.46 -22.70
C VAL A 203 -12.74 -18.66 -23.29
N ALA A 204 -13.60 -17.65 -23.15
CA ALA A 204 -14.97 -17.75 -23.65
C ALA A 204 -15.22 -17.13 -25.01
N LYS A 205 -14.17 -16.58 -25.63
CA LYS A 205 -14.31 -15.97 -26.95
C LYS A 205 -14.07 -17.01 -28.02
N VAL A 206 -14.95 -18.01 -28.05
CA VAL A 206 -14.86 -19.10 -29.01
C VAL A 206 -16.25 -19.34 -29.58
N ARG A 207 -16.32 -20.22 -30.56
CA ARG A 207 -17.59 -20.57 -31.19
C ARG A 207 -18.38 -21.36 -30.16
N GLY A 208 -19.67 -21.05 -30.01
CA GLY A 208 -20.51 -21.73 -29.05
C GLY A 208 -21.81 -20.98 -28.94
N GLU A 209 -22.90 -21.72 -28.73
CA GLU A 209 -24.23 -21.11 -28.65
C GLU A 209 -24.50 -20.39 -27.33
N GLY A 210 -24.20 -21.06 -26.22
CA GLY A 210 -24.39 -20.49 -24.90
C GLY A 210 -23.17 -20.80 -24.04
N ILE A 211 -23.08 -20.15 -22.88
CA ILE A 211 -21.94 -20.37 -22.00
C ILE A 211 -22.34 -20.96 -20.64
N LEU A 212 -21.66 -22.01 -20.21
CA LEU A 212 -21.92 -22.58 -18.90
C LEU A 212 -20.79 -22.13 -17.95
N PHE A 213 -21.16 -21.56 -16.80
CA PHE A 213 -20.16 -21.17 -15.81
C PHE A 213 -20.34 -22.06 -14.57
N ILE A 214 -19.24 -22.71 -14.17
CA ILE A 214 -19.27 -23.57 -12.99
C ILE A 214 -18.57 -22.84 -11.83
N GLY A 215 -19.34 -22.48 -10.81
CA GLY A 215 -18.76 -21.78 -9.68
C GLY A 215 -19.78 -21.04 -8.83
N SER A 216 -19.31 -20.43 -7.76
CA SER A 216 -20.17 -19.67 -6.87
C SER A 216 -19.98 -18.17 -7.16
N GLY A 217 -20.84 -17.35 -6.62
CA GLY A 217 -20.66 -15.92 -6.83
C GLY A 217 -21.20 -15.40 -8.14
N ILE A 218 -21.48 -14.10 -8.15
CA ILE A 218 -22.05 -13.47 -9.33
C ILE A 218 -21.10 -12.64 -10.17
N PHE A 219 -19.98 -12.23 -9.62
CA PHE A 219 -19.10 -11.38 -10.43
C PHE A 219 -18.67 -12.03 -11.74
N HIS A 220 -18.10 -13.23 -11.66
CA HIS A 220 -17.63 -13.88 -12.87
C HIS A 220 -18.72 -14.15 -13.91
N PRO A 221 -19.84 -14.79 -13.51
CA PRO A 221 -20.90 -15.06 -14.50
C PRO A 221 -21.35 -13.76 -15.17
N LEU A 222 -21.46 -12.69 -14.39
CA LEU A 222 -21.88 -11.39 -14.91
C LEU A 222 -20.86 -10.85 -15.93
N GLY A 223 -19.58 -10.95 -15.59
CA GLY A 223 -18.54 -10.50 -16.50
C GLY A 223 -18.62 -11.27 -17.82
N LEU A 224 -18.88 -12.57 -17.73
CA LEU A 224 -18.99 -13.40 -18.93
C LEU A 224 -20.11 -12.90 -19.84
N ALA A 225 -21.28 -12.69 -19.25
CA ALA A 225 -22.45 -12.23 -20.00
C ALA A 225 -22.24 -10.88 -20.67
N VAL A 226 -21.60 -9.93 -19.96
CA VAL A 226 -21.38 -8.63 -20.55
C VAL A 226 -20.22 -8.64 -21.55
N ALA A 227 -19.24 -9.50 -21.34
CA ALA A 227 -18.08 -9.58 -22.23
C ALA A 227 -18.34 -10.29 -23.54
N THR A 228 -19.12 -11.36 -23.48
CA THR A 228 -19.42 -12.15 -24.66
C THR A 228 -20.77 -11.82 -25.27
N ARG A 229 -21.59 -11.10 -24.52
CA ARG A 229 -22.94 -10.74 -24.97
C ARG A 229 -23.70 -12.01 -25.36
N LYS A 230 -23.29 -13.14 -24.77
CA LYS A 230 -23.97 -14.40 -25.03
C LYS A 230 -24.75 -14.82 -23.79
N LYS A 231 -25.55 -15.88 -23.93
CA LYS A 231 -26.34 -16.39 -22.83
C LYS A 231 -25.47 -17.15 -21.82
N VAL A 232 -25.60 -16.80 -20.56
CA VAL A 232 -24.81 -17.46 -19.54
C VAL A 232 -25.65 -18.15 -18.48
N LEU A 233 -25.30 -19.41 -18.22
CA LEU A 233 -25.95 -20.21 -17.20
C LEU A 233 -24.84 -20.54 -16.17
N ALA A 234 -25.04 -20.11 -14.93
CA ALA A 234 -24.08 -20.36 -13.87
C ALA A 234 -24.62 -21.48 -12.97
N ILE A 235 -23.76 -22.42 -12.61
CA ILE A 235 -24.16 -23.50 -11.71
C ILE A 235 -23.16 -23.60 -10.56
N ASP A 236 -23.67 -23.44 -9.34
CA ASP A 236 -22.87 -23.51 -8.12
C ASP A 236 -22.68 -25.00 -7.79
N PRO A 237 -21.42 -25.46 -7.75
CA PRO A 237 -21.13 -26.87 -7.45
C PRO A 237 -21.46 -27.33 -6.03
N TYR A 238 -21.57 -26.40 -5.10
CA TYR A 238 -21.88 -26.74 -3.73
C TYR A 238 -23.38 -26.84 -3.46
N THR A 239 -24.12 -25.83 -3.86
CA THR A 239 -25.57 -25.79 -3.64
C THR A 239 -26.38 -26.42 -4.77
N LYS A 240 -25.74 -26.57 -5.94
CA LYS A 240 -26.39 -27.12 -7.12
C LYS A 240 -27.43 -26.14 -7.64
N ALA A 241 -27.40 -24.93 -7.13
CA ALA A 241 -28.36 -23.92 -7.59
C ALA A 241 -27.90 -23.38 -8.94
N PHE A 242 -28.86 -23.03 -9.80
CA PHE A 242 -28.50 -22.47 -11.10
C PHE A 242 -28.98 -21.05 -11.19
N SER A 243 -28.45 -20.33 -12.15
CA SER A 243 -28.85 -18.95 -12.34
C SER A 243 -28.65 -18.52 -13.80
N TRP A 244 -29.73 -18.03 -14.42
CA TRP A 244 -29.62 -17.52 -15.78
C TRP A 244 -29.23 -16.06 -15.58
N ILE A 245 -28.07 -15.69 -16.09
CA ILE A 245 -27.56 -14.34 -15.91
C ILE A 245 -28.20 -13.26 -16.77
N ASP A 246 -28.60 -12.15 -16.12
CA ASP A 246 -29.18 -11.01 -16.82
C ASP A 246 -28.38 -9.77 -16.44
N PRO A 247 -27.56 -9.27 -17.37
CA PRO A 247 -26.75 -8.08 -17.09
C PRO A 247 -27.55 -6.76 -17.01
N GLU A 248 -28.84 -6.82 -17.34
CA GLU A 248 -29.68 -5.62 -17.33
C GLU A 248 -29.48 -4.74 -16.11
N ARG A 249 -29.78 -5.25 -14.93
CA ARG A 249 -29.60 -4.47 -13.70
C ARG A 249 -28.22 -3.80 -13.65
N PHE A 250 -27.17 -4.61 -13.76
CA PHE A 250 -25.81 -4.14 -13.72
C PHE A 250 -25.57 -3.01 -14.72
N ILE A 251 -25.95 -3.25 -15.97
CA ILE A 251 -25.76 -2.26 -17.02
C ILE A 251 -26.44 -0.93 -16.71
N ARG A 252 -27.67 -0.98 -16.22
CA ARG A 252 -28.40 0.24 -15.90
C ARG A 252 -27.64 0.99 -14.82
N LYS A 253 -27.16 0.25 -13.82
CA LYS A 253 -26.40 0.84 -12.73
C LYS A 253 -25.17 1.57 -13.24
N ARG A 254 -24.53 1.02 -14.27
CA ARG A 254 -23.36 1.68 -14.83
C ARG A 254 -23.79 2.95 -15.57
N TRP A 255 -24.86 2.89 -16.34
CA TRP A 255 -25.33 4.08 -17.04
C TRP A 255 -25.56 5.17 -16.00
N ALA A 256 -26.22 4.81 -14.91
CA ALA A 256 -26.47 5.76 -13.83
C ALA A 256 -25.15 6.41 -13.44
N GLN A 257 -24.18 5.59 -13.05
CA GLN A 257 -22.88 6.09 -12.65
C GLN A 257 -22.30 7.02 -13.72
N ILE A 258 -22.40 6.62 -14.98
CA ILE A 258 -21.88 7.45 -16.07
C ILE A 258 -22.61 8.79 -16.06
N ALA A 259 -23.92 8.75 -15.83
CA ALA A 259 -24.73 9.94 -15.80
C ALA A 259 -24.19 10.92 -14.76
N LYS A 260 -24.02 10.43 -13.54
CA LYS A 260 -23.51 11.25 -12.44
C LYS A 260 -22.18 11.92 -12.76
N ALA A 261 -21.49 11.44 -13.78
CA ALA A 261 -20.20 12.03 -14.14
C ALA A 261 -20.32 12.98 -15.32
N MET A 262 -21.50 13.02 -15.93
CA MET A 262 -21.74 13.89 -17.07
C MET A 262 -21.38 15.36 -16.84
N ASP A 263 -21.79 15.89 -15.70
CA ASP A 263 -21.51 17.29 -15.40
C ASP A 263 -20.20 17.51 -14.63
N ALA A 264 -19.27 16.56 -14.73
CA ALA A 264 -18.00 16.71 -14.03
C ALA A 264 -16.97 17.34 -14.98
N LYS A 265 -16.10 18.17 -14.43
CA LYS A 265 -15.09 18.83 -15.26
C LYS A 265 -13.67 18.36 -14.97
N LYS A 266 -13.41 18.06 -13.70
CA LYS A 266 -12.09 17.59 -13.25
C LYS A 266 -12.10 16.07 -13.05
N PHE A 267 -11.18 15.38 -13.73
CA PHE A 267 -11.09 13.94 -13.63
C PHE A 267 -9.76 13.43 -13.14
N GLY A 268 -9.84 12.41 -12.31
CA GLY A 268 -8.63 11.77 -11.83
C GLY A 268 -8.58 10.48 -12.61
N VAL A 269 -7.46 10.17 -13.24
CA VAL A 269 -7.31 8.94 -14.01
C VAL A 269 -6.25 8.13 -13.29
N ILE A 270 -6.69 7.03 -12.69
CA ILE A 270 -5.85 6.19 -11.86
C ILE A 270 -5.19 4.95 -12.43
N VAL A 271 -3.94 4.74 -12.03
CA VAL A 271 -3.22 3.53 -12.42
C VAL A 271 -2.66 2.92 -11.12
N SER A 272 -2.38 1.63 -11.17
CA SER A 272 -1.82 0.93 -10.03
C SER A 272 -0.45 0.39 -10.43
N ILE A 273 0.53 0.52 -9.54
CA ILE A 273 1.85 0.03 -9.88
C ILE A 273 2.00 -1.48 -9.72
N LYS A 274 0.90 -2.18 -9.39
CA LYS A 274 0.95 -3.63 -9.26
C LYS A 274 1.34 -4.12 -10.65
N LYS A 275 2.37 -4.96 -10.71
CA LYS A 275 2.91 -5.46 -11.98
C LYS A 275 1.90 -5.91 -13.04
N GLY A 276 0.95 -6.74 -12.67
CA GLY A 276 -0.01 -7.18 -13.67
C GLY A 276 -1.17 -6.23 -13.85
N GLN A 277 -1.13 -5.08 -13.19
CA GLN A 277 -2.22 -4.11 -13.29
C GLN A 277 -1.85 -2.75 -13.86
N LEU A 278 -0.56 -2.46 -14.02
CA LEU A 278 -0.16 -1.15 -14.53
C LEU A 278 -0.51 -1.00 -16.02
N ARG A 279 -1.36 -0.01 -16.30
CA ARG A 279 -1.81 0.26 -17.66
C ARG A 279 -1.53 1.73 -17.97
N LEU A 280 -0.26 2.10 -17.91
CA LEU A 280 0.15 3.48 -18.11
C LEU A 280 -0.27 4.09 -19.43
N ALA A 281 0.00 3.37 -20.52
CA ALA A 281 -0.34 3.86 -21.85
C ALA A 281 -1.83 4.09 -22.00
N GLU A 282 -2.63 3.17 -21.48
CA GLU A 282 -4.08 3.33 -21.56
C GLU A 282 -4.54 4.51 -20.71
N ALA A 283 -3.91 4.69 -19.55
CA ALA A 283 -4.29 5.80 -18.68
C ALA A 283 -3.98 7.13 -19.35
N LYS A 284 -2.76 7.24 -19.89
CA LYS A 284 -2.33 8.45 -20.56
C LYS A 284 -3.27 8.80 -21.72
N ARG A 285 -3.69 7.76 -22.44
CA ARG A 285 -4.59 7.93 -23.57
C ARG A 285 -5.89 8.55 -23.09
N ILE A 286 -6.41 8.04 -21.96
CA ILE A 286 -7.66 8.55 -21.39
C ILE A 286 -7.51 9.99 -20.89
N VAL A 287 -6.33 10.33 -20.40
CA VAL A 287 -6.11 11.70 -19.92
C VAL A 287 -6.16 12.61 -21.15
N LYS A 288 -5.53 12.18 -22.23
CA LYS A 288 -5.50 12.97 -23.46
C LYS A 288 -6.90 13.11 -24.03
N LEU A 289 -7.66 12.02 -24.03
CA LEU A 289 -9.02 12.06 -24.56
C LEU A 289 -9.93 13.00 -23.80
N LEU A 290 -9.87 12.96 -22.47
CA LEU A 290 -10.73 13.85 -21.68
C LEU A 290 -10.38 15.32 -21.95
N LYS A 291 -9.09 15.62 -22.03
CA LYS A 291 -8.65 16.99 -22.27
C LYS A 291 -9.14 17.48 -23.63
N LYS A 292 -8.95 16.66 -24.66
CA LYS A 292 -9.39 17.03 -26.00
C LYS A 292 -10.88 17.37 -25.98
N HIS A 293 -11.62 16.79 -25.03
CA HIS A 293 -13.04 17.03 -24.95
C HIS A 293 -13.55 18.01 -23.88
N GLY A 294 -12.75 19.02 -23.56
CA GLY A 294 -13.16 20.02 -22.60
C GLY A 294 -13.02 19.75 -21.11
N ARG A 295 -12.60 18.55 -20.73
CA ARG A 295 -12.45 18.23 -19.31
C ARG A 295 -11.01 18.35 -18.84
N GLU A 296 -10.84 18.44 -17.52
CA GLU A 296 -9.49 18.48 -16.95
C GLU A 296 -9.26 17.05 -16.46
N ALA A 297 -8.04 16.57 -16.61
CA ALA A 297 -7.73 15.21 -16.19
C ALA A 297 -6.31 15.12 -15.71
N ARG A 298 -6.13 14.47 -14.57
CA ARG A 298 -4.81 14.28 -13.99
C ARG A 298 -4.55 12.80 -13.78
N LEU A 299 -3.38 12.34 -14.19
CA LEU A 299 -3.02 10.93 -14.03
C LEU A 299 -2.54 10.71 -12.58
N ILE A 300 -3.16 9.74 -11.91
CA ILE A 300 -2.83 9.42 -10.52
C ILE A 300 -2.22 8.03 -10.40
N VAL A 301 -1.07 7.96 -9.74
CA VAL A 301 -0.35 6.71 -9.51
C VAL A 301 -0.56 6.20 -8.08
N MET A 302 -1.01 4.95 -7.94
CA MET A 302 -1.23 4.34 -6.63
C MET A 302 -0.79 2.87 -6.65
N ASN A 303 -0.89 2.22 -5.49
CA ASN A 303 -0.61 0.80 -5.40
C ASN A 303 -1.99 0.24 -5.16
N ASP A 304 -2.41 0.20 -3.90
CA ASP A 304 -3.75 -0.26 -3.59
C ASP A 304 -4.65 0.94 -3.93
N VAL A 305 -5.61 0.70 -4.81
CA VAL A 305 -6.53 1.75 -5.22
C VAL A 305 -7.78 1.81 -4.35
N ASN A 306 -7.95 2.91 -3.63
CA ASN A 306 -9.15 3.08 -2.81
C ASN A 306 -9.45 4.57 -2.67
N TYR A 307 -10.73 4.87 -2.63
CA TYR A 307 -11.23 6.24 -2.54
C TYR A 307 -10.70 7.10 -1.38
N HIS A 308 -10.64 6.54 -0.19
CA HIS A 308 -10.17 7.28 0.98
C HIS A 308 -8.87 8.05 0.78
N LYS A 309 -7.91 7.45 0.09
CA LYS A 309 -6.64 8.12 -0.12
C LYS A 309 -6.81 9.35 -1.02
N LEU A 310 -7.84 9.32 -1.85
CA LEU A 310 -8.10 10.39 -2.80
C LEU A 310 -9.08 11.48 -2.37
N GLU A 311 -9.84 11.25 -1.30
CA GLU A 311 -10.85 12.22 -0.83
C GLU A 311 -10.44 13.71 -0.75
N GLY A 312 -9.17 13.98 -0.47
CA GLY A 312 -8.72 15.36 -0.37
C GLY A 312 -8.48 16.07 -1.71
N PHE A 313 -8.47 15.30 -2.80
CA PHE A 313 -8.27 15.87 -4.13
C PHE A 313 -9.54 16.56 -4.64
N PRO A 314 -9.38 17.60 -5.47
CA PRO A 314 -10.50 18.36 -6.04
C PRO A 314 -11.30 17.63 -7.10
N PHE A 315 -10.72 16.59 -7.70
CA PHE A 315 -11.40 15.83 -8.76
C PHE A 315 -12.85 15.49 -8.41
N GLU A 316 -13.72 15.61 -9.41
CA GLU A 316 -15.16 15.37 -9.26
C GLU A 316 -15.55 13.95 -9.63
N ALA A 317 -14.77 13.35 -10.53
CA ALA A 317 -15.04 11.97 -10.96
C ALA A 317 -13.71 11.25 -11.18
N TYR A 318 -13.74 9.93 -11.13
CA TYR A 318 -12.52 9.18 -11.31
C TYR A 318 -12.66 8.12 -12.39
N VAL A 319 -11.52 7.76 -12.98
CA VAL A 319 -11.48 6.71 -13.99
C VAL A 319 -10.38 5.79 -13.51
N VAL A 320 -10.74 4.55 -13.24
CA VAL A 320 -9.77 3.57 -12.79
C VAL A 320 -9.31 2.80 -13.99
N VAL A 321 -8.01 2.88 -14.27
CA VAL A 321 -7.42 2.17 -15.39
C VAL A 321 -6.44 1.17 -14.83
N ALA A 322 -7.00 0.17 -14.17
CA ALA A 322 -6.22 -0.89 -13.55
C ALA A 322 -7.13 -2.11 -13.48
N CYS A 323 -7.47 -2.54 -12.28
CA CYS A 323 -8.35 -3.69 -12.13
C CYS A 323 -9.82 -3.23 -12.15
N PRO A 324 -10.59 -3.70 -13.14
CA PRO A 324 -12.02 -3.38 -13.33
C PRO A 324 -12.91 -3.69 -12.13
N ARG A 325 -12.54 -4.67 -11.32
CA ARG A 325 -13.36 -5.00 -10.15
C ARG A 325 -13.52 -3.78 -9.22
N VAL A 326 -12.49 -2.93 -9.19
CA VAL A 326 -12.54 -1.75 -8.34
C VAL A 326 -13.73 -0.85 -8.70
N PRO A 327 -13.83 -0.38 -9.95
CA PRO A 327 -14.99 0.47 -10.20
C PRO A 327 -16.31 -0.28 -10.47
N LEU A 328 -16.22 -1.51 -10.97
CA LEU A 328 -17.42 -2.28 -11.30
C LEU A 328 -18.02 -3.13 -10.17
N ASP A 329 -17.35 -3.21 -9.04
CA ASP A 329 -17.89 -4.01 -7.95
C ASP A 329 -17.68 -3.34 -6.60
N ASP A 330 -17.85 -2.02 -6.59
CA ASP A 330 -17.70 -1.23 -5.37
C ASP A 330 -18.92 -1.41 -4.46
N TYR A 331 -18.68 -1.65 -3.18
CA TYR A 331 -19.77 -1.83 -2.24
C TYR A 331 -20.30 -0.51 -1.71
N GLY A 332 -19.62 0.58 -2.04
CA GLY A 332 -20.05 1.90 -1.61
C GLY A 332 -18.93 2.72 -1.03
N ALA A 333 -17.69 2.30 -1.26
CA ALA A 333 -16.56 3.04 -0.74
C ALA A 333 -16.28 4.34 -1.49
N TRP A 334 -16.68 4.37 -2.77
CA TRP A 334 -16.47 5.55 -3.61
C TRP A 334 -17.59 6.57 -3.45
N ARG A 335 -17.25 7.73 -2.91
CA ARG A 335 -18.22 8.79 -2.67
C ARG A 335 -18.44 9.68 -3.90
N LYS A 336 -17.58 9.51 -4.91
CA LYS A 336 -17.70 10.26 -6.15
C LYS A 336 -17.82 9.23 -7.26
N PRO A 337 -18.42 9.59 -8.40
CA PRO A 337 -18.53 8.60 -9.48
C PRO A 337 -17.17 8.09 -9.93
N VAL A 338 -17.06 6.77 -10.09
CA VAL A 338 -15.82 6.15 -10.53
C VAL A 338 -16.14 5.24 -11.72
N LEU A 339 -15.42 5.42 -12.83
CA LEU A 339 -15.66 4.67 -14.07
C LEU A 339 -14.48 3.89 -14.62
N THR A 340 -14.76 3.02 -15.59
CA THR A 340 -13.73 2.25 -16.29
C THR A 340 -13.41 3.03 -17.57
N PRO A 341 -12.28 2.71 -18.22
CA PRO A 341 -11.90 3.39 -19.46
C PRO A 341 -13.01 3.35 -20.53
N LYS A 342 -13.59 2.18 -20.71
CA LYS A 342 -14.64 1.98 -21.69
C LYS A 342 -15.86 2.85 -21.42
N GLU A 343 -16.15 3.05 -20.15
CA GLU A 343 -17.30 3.87 -19.77
C GLU A 343 -17.02 5.33 -20.05
N VAL A 344 -15.75 5.74 -19.95
CA VAL A 344 -15.39 7.13 -20.23
C VAL A 344 -15.73 7.43 -21.68
N GLU A 345 -15.36 6.51 -22.56
CA GLU A 345 -15.61 6.65 -23.99
C GLU A 345 -17.12 6.79 -24.26
N ILE A 346 -17.94 6.14 -23.46
CA ILE A 346 -19.39 6.26 -23.63
C ILE A 346 -19.80 7.65 -23.18
N LEU A 347 -19.28 8.07 -22.04
CA LEU A 347 -19.60 9.40 -21.50
C LEU A 347 -19.23 10.51 -22.47
N LEU A 348 -18.04 10.41 -23.06
CA LEU A 348 -17.59 11.40 -24.01
C LEU A 348 -18.34 11.30 -25.36
N GLY A 349 -19.16 10.27 -25.50
CA GLY A 349 -19.92 10.10 -26.72
C GLY A 349 -19.17 9.43 -27.88
N LEU A 350 -18.06 8.76 -27.57
CA LEU A 350 -17.27 8.10 -28.61
C LEU A 350 -17.70 6.65 -28.83
N ARG A 351 -18.21 6.03 -27.77
CA ARG A 351 -18.65 4.64 -27.79
C ARG A 351 -20.16 4.63 -27.54
N GLU A 352 -20.87 3.73 -28.22
CA GLU A 352 -22.32 3.67 -28.06
C GLU A 352 -22.82 2.51 -27.18
N GLU A 353 -22.31 1.31 -27.44
CA GLU A 353 -22.74 0.16 -26.66
C GLU A 353 -21.79 -0.12 -25.50
N TYR A 354 -22.31 -0.69 -24.42
CA TYR A 354 -21.49 -1.00 -23.25
C TYR A 354 -20.50 -2.12 -23.52
N GLU A 355 -19.34 -2.03 -22.91
CA GLU A 355 -18.31 -3.04 -23.10
C GLU A 355 -17.49 -3.23 -21.82
N PHE A 356 -17.27 -4.49 -21.42
CA PHE A 356 -16.54 -4.82 -20.21
C PHE A 356 -15.04 -4.48 -20.31
N ASP A 357 -14.53 -3.78 -19.30
CA ASP A 357 -13.13 -3.42 -19.29
C ASP A 357 -12.30 -4.66 -18.95
N GLU A 358 -11.67 -5.26 -19.95
CA GLU A 358 -10.85 -6.44 -19.71
C GLU A 358 -9.37 -6.10 -19.79
N ILE A 359 -8.57 -6.87 -19.07
CA ILE A 359 -7.12 -6.69 -19.13
C ILE A 359 -6.68 -7.89 -19.96
N LEU A 360 -6.33 -7.64 -21.22
CA LEU A 360 -5.96 -8.72 -22.12
C LEU A 360 -4.46 -8.97 -22.21
N GLY A 361 -4.11 -10.24 -22.46
CA GLY A 361 -2.71 -10.62 -22.61
C GLY A 361 -2.49 -11.05 -24.05
N GLY A 362 -1.33 -11.62 -24.34
CA GLY A 362 -1.05 -12.08 -25.68
C GLY A 362 -1.18 -13.58 -25.82
N PRO A 363 -0.75 -14.18 -26.93
CA PRO A 363 -0.84 -15.63 -27.12
C PRO A 363 -0.05 -16.34 -26.02
N ARG A 364 -0.55 -17.47 -25.55
CA ARG A 364 0.13 -18.25 -24.51
C ARG A 364 0.56 -19.55 -25.16
N GLU A 365 1.87 -19.78 -25.21
CA GLU A 365 2.42 -20.97 -25.86
C GLU A 365 2.12 -22.28 -25.12
N SER A 366 2.04 -22.23 -23.80
CA SER A 366 1.76 -23.45 -23.03
C SER A 366 0.81 -23.21 -21.87
N ASP A 367 0.46 -24.28 -21.17
CA ASP A 367 -0.46 -24.21 -20.05
C ASP A 367 0.27 -24.57 -18.77
N GLU A 368 -0.12 -23.92 -17.67
CA GLU A 368 0.48 -24.18 -16.38
C GLU A 368 0.08 -25.57 -15.89
N PRO A 369 0.90 -26.17 -15.01
CA PRO A 369 0.57 -27.49 -14.47
C PRO A 369 -0.58 -27.42 -13.46
N PHE A 370 -1.11 -28.57 -13.10
CA PHE A 370 -2.15 -28.62 -12.10
C PHE A 370 -1.38 -29.05 -10.86
N GLY A 371 -0.65 -28.09 -10.31
CA GLY A 371 0.19 -28.31 -9.16
C GLY A 371 1.10 -27.10 -9.09
N ILE A 372 2.22 -27.20 -8.38
CA ILE A 372 3.07 -26.02 -8.31
C ILE A 372 3.86 -25.79 -9.58
N SER A 373 4.27 -24.55 -9.79
CA SER A 373 5.06 -24.21 -10.97
C SER A 373 6.15 -23.28 -10.49
N ILE A 374 7.26 -23.23 -11.23
CA ILE A 374 8.34 -22.35 -10.86
C ILE A 374 8.71 -21.56 -12.10
N HIS A 375 8.76 -20.24 -11.94
CA HIS A 375 9.07 -19.34 -13.03
C HIS A 375 10.19 -18.39 -12.64
N SER A 376 10.90 -17.91 -13.66
CA SER A 376 11.99 -16.97 -13.48
C SER A 376 12.18 -16.34 -14.85
N THR A 377 11.91 -15.05 -14.95
CA THR A 377 12.02 -14.33 -16.21
C THR A 377 13.32 -13.55 -16.34
N MET B 37 -3.62 27.64 8.16
CA MET B 37 -3.11 28.41 7.00
C MET B 37 -1.59 28.40 6.97
N LEU B 38 -1.04 28.10 5.80
CA LEU B 38 0.39 28.03 5.63
C LEU B 38 0.82 29.07 4.61
N HIS B 39 2.14 29.24 4.48
CA HIS B 39 2.67 30.16 3.50
C HIS B 39 2.46 29.45 2.15
N GLU B 40 2.43 30.22 1.07
CA GLU B 40 2.20 29.68 -0.26
C GLU B 40 3.40 28.91 -0.83
N ILE B 41 3.12 27.88 -1.62
CA ILE B 41 4.18 27.10 -2.24
C ILE B 41 4.90 27.94 -3.32
N PRO B 42 6.24 27.83 -3.37
CA PRO B 42 7.10 28.55 -4.32
C PRO B 42 7.09 27.96 -5.73
N LYS B 43 5.93 28.02 -6.39
CA LYS B 43 5.79 27.46 -7.73
C LYS B 43 6.92 27.86 -8.69
N SER B 44 7.22 29.15 -8.76
CA SER B 44 8.26 29.67 -9.64
C SER B 44 9.63 29.06 -9.35
N GLU B 45 10.03 29.08 -8.08
CA GLU B 45 11.31 28.53 -7.70
C GLU B 45 11.38 27.04 -8.03
N ILE B 46 10.24 26.36 -7.91
CA ILE B 46 10.16 24.93 -8.19
C ILE B 46 10.34 24.72 -9.69
N LEU B 47 9.51 25.39 -10.48
CA LEU B 47 9.57 25.30 -11.94
C LEU B 47 11.01 25.55 -12.41
N LYS B 48 11.60 26.62 -11.91
CA LYS B 48 12.96 26.97 -12.30
C LYS B 48 13.89 25.80 -12.03
N GLU B 49 13.74 25.18 -10.87
CA GLU B 49 14.59 24.06 -10.50
C GLU B 49 14.45 22.87 -11.46
N LEU B 50 13.21 22.55 -11.82
CA LEU B 50 12.96 21.45 -12.74
C LEU B 50 13.61 21.72 -14.09
N LYS B 51 13.44 22.95 -14.58
CA LYS B 51 14.03 23.35 -15.85
C LYS B 51 15.55 23.30 -15.77
N ARG B 52 16.10 23.68 -14.63
CA ARG B 52 17.54 23.67 -14.43
C ARG B 52 18.13 22.28 -14.67
N ILE B 53 17.44 21.25 -14.19
CA ILE B 53 17.90 19.87 -14.37
C ILE B 53 17.27 19.27 -15.61
N GLY B 54 16.32 19.98 -16.20
CA GLY B 54 15.63 19.45 -17.36
C GLY B 54 14.77 18.28 -16.94
N ALA B 55 13.50 18.55 -16.67
CA ALA B 55 12.57 17.51 -16.26
C ALA B 55 11.29 17.63 -17.08
N LYS B 56 10.93 16.55 -17.77
CA LYS B 56 9.73 16.54 -18.60
C LYS B 56 8.50 15.95 -17.89
N ARG B 57 8.75 14.98 -17.00
CA ARG B 57 7.68 14.34 -16.27
C ARG B 57 8.05 14.23 -14.80
N VAL B 58 7.15 14.67 -13.93
CA VAL B 58 7.39 14.61 -12.49
C VAL B 58 6.21 14.05 -11.71
N LEU B 59 6.55 13.34 -10.64
CA LEU B 59 5.56 12.77 -9.75
C LEU B 59 5.52 13.68 -8.53
N ILE B 60 4.31 14.08 -8.12
CA ILE B 60 4.17 14.94 -6.94
C ILE B 60 3.48 14.18 -5.80
N GLN B 61 4.17 14.00 -4.68
CA GLN B 61 3.54 13.36 -3.52
C GLN B 61 3.21 14.48 -2.54
N SER B 62 2.14 14.27 -1.80
CA SER B 62 1.69 15.27 -0.85
C SER B 62 1.03 14.60 0.33
N PRO B 63 1.02 15.30 1.49
CA PRO B 63 0.45 14.88 2.78
C PRO B 63 -1.04 15.20 2.74
N GLU B 64 -1.75 14.76 3.78
CA GLU B 64 -3.19 14.96 3.88
C GLU B 64 -3.64 16.41 3.72
N GLY B 65 -2.99 17.32 4.41
CA GLY B 65 -3.39 18.72 4.33
C GLY B 65 -2.88 19.49 3.12
N LEU B 66 -2.34 18.81 2.12
CA LEU B 66 -1.84 19.53 0.94
C LEU B 66 -2.28 18.89 -0.36
N ARG B 67 -3.44 18.22 -0.33
CA ARG B 67 -3.93 17.57 -1.53
C ARG B 67 -4.38 18.62 -2.55
N ARG B 68 -5.12 19.62 -2.10
CA ARG B 68 -5.59 20.66 -3.02
C ARG B 68 -4.43 21.46 -3.61
N GLU B 69 -3.36 21.63 -2.84
CA GLU B 69 -2.20 22.38 -3.32
C GLU B 69 -1.41 21.57 -4.35
N ALA B 70 -1.39 20.25 -4.17
CA ALA B 70 -0.65 19.38 -5.09
C ALA B 70 -1.23 19.46 -6.51
N GLU B 71 -2.54 19.61 -6.59
CA GLU B 71 -3.20 19.69 -7.89
C GLU B 71 -2.98 21.06 -8.52
N GLU B 72 -2.92 22.10 -7.69
CA GLU B 72 -2.72 23.46 -8.18
C GLU B 72 -1.31 23.53 -8.76
N LEU B 73 -0.37 22.93 -8.05
CA LEU B 73 1.01 22.92 -8.49
C LEU B 73 1.14 22.14 -9.80
N ALA B 74 0.37 21.04 -9.91
CA ALA B 74 0.41 20.22 -11.12
C ALA B 74 -0.15 20.98 -12.31
N GLY B 75 -1.33 21.57 -12.13
CA GLY B 75 -1.95 22.33 -13.20
C GLY B 75 -1.06 23.49 -13.62
N PHE B 76 -0.22 23.96 -12.70
CA PHE B 76 0.68 25.06 -12.99
C PHE B 76 1.90 24.62 -13.79
N LEU B 77 2.55 23.54 -13.36
CA LEU B 77 3.72 23.05 -14.08
C LEU B 77 3.36 22.50 -15.47
N GLU B 78 2.11 22.09 -15.65
CA GLU B 78 1.66 21.56 -16.94
C GLU B 78 1.59 22.69 -17.98
N GLU B 79 1.03 23.83 -17.58
CA GLU B 79 0.92 24.99 -18.46
C GLU B 79 2.31 25.48 -18.84
N ASN B 80 3.33 24.90 -18.21
CA ASN B 80 4.69 25.26 -18.48
C ASN B 80 5.49 24.15 -19.11
N ASN B 81 4.78 23.30 -19.84
CA ASN B 81 5.36 22.17 -20.57
C ASN B 81 6.00 21.07 -19.76
N ILE B 82 5.31 20.63 -18.70
CA ILE B 82 5.82 19.55 -17.86
C ILE B 82 4.70 18.60 -17.49
N GLU B 83 4.83 17.35 -17.92
CA GLU B 83 3.83 16.34 -17.62
C GLU B 83 3.88 16.06 -16.12
N VAL B 84 2.70 16.03 -15.49
CA VAL B 84 2.64 15.80 -14.06
C VAL B 84 1.70 14.68 -13.63
N PHE B 85 2.21 13.79 -12.78
CA PHE B 85 1.45 12.68 -12.21
C PHE B 85 1.36 12.96 -10.70
N LEU B 86 0.19 12.75 -10.12
CA LEU B 86 0.04 12.92 -8.69
C LEU B 86 0.17 11.55 -8.04
N HIS B 87 0.87 11.48 -6.92
CA HIS B 87 0.99 10.22 -6.20
C HIS B 87 -0.33 10.14 -5.44
N GLY B 88 -1.03 9.03 -5.58
CA GLY B 88 -2.32 8.87 -4.91
C GLY B 88 -2.27 8.43 -3.46
N GLU B 89 -1.12 7.94 -3.03
CA GLU B 89 -0.95 7.51 -1.64
C GLU B 89 -0.93 8.79 -0.82
N ILE B 90 -1.30 8.71 0.45
CA ILE B 90 -1.26 9.87 1.32
C ILE B 90 0.12 9.77 1.98
N ASN B 91 0.96 10.76 1.77
CA ASN B 91 2.30 10.72 2.35
C ASN B 91 2.30 11.14 3.82
N TYR B 92 3.14 10.52 4.62
CA TYR B 92 3.20 10.86 6.04
C TYR B 92 4.59 11.28 6.47
N GLY B 93 5.53 11.38 5.53
CA GLY B 93 6.86 11.81 5.93
C GLY B 93 7.94 11.66 4.87
N ALA B 94 9.03 12.41 5.05
CA ALA B 94 10.14 12.38 4.12
C ALA B 94 10.87 11.06 4.22
N CYS B 95 10.50 10.26 5.22
CA CYS B 95 11.11 8.95 5.42
C CYS B 95 10.57 8.03 4.34
N ASP B 96 9.50 8.49 3.67
CA ASP B 96 8.88 7.69 2.61
C ASP B 96 8.76 8.38 1.25
N PRO B 97 9.90 8.66 0.59
CA PRO B 97 9.87 9.30 -0.72
C PRO B 97 9.33 8.30 -1.76
N ALA B 98 8.62 8.81 -2.77
CA ALA B 98 8.08 7.94 -3.79
C ALA B 98 9.02 7.92 -5.00
N ASP B 99 10.32 7.88 -4.75
CA ASP B 99 11.27 7.88 -5.85
C ASP B 99 11.22 6.59 -6.67
N ARG B 100 11.01 5.45 -6.00
CA ARG B 100 10.91 4.17 -6.68
C ARG B 100 9.70 4.19 -7.61
N GLU B 101 8.57 4.66 -7.08
CA GLU B 101 7.36 4.72 -7.86
C GLU B 101 7.53 5.68 -9.04
N ALA B 102 8.22 6.79 -8.80
CA ALA B 102 8.46 7.76 -9.88
C ALA B 102 9.19 7.03 -11.02
N LYS B 103 10.26 6.33 -10.65
CA LYS B 103 11.05 5.57 -11.62
C LYS B 103 10.15 4.62 -12.43
N LEU B 104 9.41 3.79 -11.71
CA LEU B 104 8.52 2.82 -12.33
C LEU B 104 7.59 3.37 -13.40
N VAL B 105 7.15 4.61 -13.24
CA VAL B 105 6.24 5.20 -14.23
C VAL B 105 6.93 6.24 -15.14
N GLY B 106 8.25 6.16 -15.21
CA GLY B 106 9.04 7.05 -16.05
C GLY B 106 9.12 8.54 -15.77
N CYS B 107 9.08 8.93 -14.50
CA CYS B 107 9.17 10.36 -14.18
C CYS B 107 10.63 10.76 -14.02
N ASP B 108 11.00 11.91 -14.59
CA ASP B 108 12.37 12.41 -14.52
C ASP B 108 12.77 12.85 -13.11
N ALA B 109 11.84 13.45 -12.38
CA ALA B 109 12.11 13.90 -11.01
C ALA B 109 10.92 13.72 -10.09
N LEU B 110 11.16 13.92 -8.80
CA LEU B 110 10.12 13.79 -7.79
C LEU B 110 9.98 15.07 -6.97
N ILE B 111 8.74 15.50 -6.75
CA ILE B 111 8.45 16.67 -5.93
C ILE B 111 7.77 16.18 -4.65
N HIS B 112 8.41 16.43 -3.51
CA HIS B 112 7.89 16.01 -2.21
C HIS B 112 7.38 17.22 -1.43
N LEU B 113 6.06 17.37 -1.37
CA LEU B 113 5.46 18.48 -0.66
C LEU B 113 5.30 18.24 0.84
N GLY B 114 5.35 19.34 1.59
CA GLY B 114 5.13 19.28 3.03
C GLY B 114 6.22 18.84 3.98
N HIS B 115 7.29 18.22 3.49
CA HIS B 115 8.34 17.77 4.40
C HIS B 115 9.70 18.16 3.86
N SER B 116 10.67 18.25 4.77
CA SER B 116 12.04 18.58 4.41
C SER B 116 12.84 17.29 4.33
N TYR B 117 13.95 17.36 3.62
CA TYR B 117 14.83 16.22 3.41
C TYR B 117 15.48 15.60 4.64
N MET B 118 15.51 14.26 4.65
CA MET B 118 16.21 13.51 5.68
C MET B 118 17.17 12.65 4.86
N LYS B 119 18.35 12.37 5.40
CA LYS B 119 19.35 11.59 4.67
C LYS B 119 18.86 10.23 4.16
N LEU B 120 18.69 10.12 2.85
CA LEU B 120 18.25 8.88 2.21
C LEU B 120 18.74 8.84 0.77
N PRO B 121 19.13 7.67 0.28
CA PRO B 121 19.59 7.62 -1.11
C PRO B 121 18.33 7.75 -1.97
N LEU B 122 18.38 8.55 -3.04
CA LEU B 122 17.22 8.75 -3.90
C LEU B 122 17.52 8.36 -5.34
N GLU B 123 16.56 7.67 -5.97
CA GLU B 123 16.69 7.19 -7.34
C GLU B 123 16.42 8.22 -8.43
N VAL B 124 15.69 9.28 -8.10
CA VAL B 124 15.42 10.32 -9.08
C VAL B 124 15.60 11.66 -8.39
N PRO B 125 16.01 12.69 -9.14
CA PRO B 125 16.18 14.01 -8.51
C PRO B 125 14.89 14.35 -7.80
N THR B 126 15.01 14.80 -6.56
CA THR B 126 13.86 15.14 -5.74
C THR B 126 13.94 16.55 -5.14
N ILE B 127 12.84 17.27 -5.26
CA ILE B 127 12.71 18.62 -4.74
C ILE B 127 11.80 18.57 -3.52
N PHE B 128 12.35 18.90 -2.36
CA PHE B 128 11.55 18.91 -1.16
C PHE B 128 10.99 20.30 -1.00
N VAL B 129 9.72 20.37 -0.60
CA VAL B 129 9.04 21.64 -0.43
C VAL B 129 8.37 21.75 0.94
N PRO B 130 9.15 22.09 1.97
CA PRO B 130 8.65 22.23 3.34
C PRO B 130 7.39 23.11 3.46
N ALA B 131 6.55 22.80 4.44
CA ALA B 131 5.35 23.58 4.68
C ALA B 131 5.63 24.39 5.95
N PHE B 132 5.37 25.69 5.91
CA PHE B 132 5.59 26.53 7.08
C PHE B 132 4.27 27.20 7.49
N ALA B 133 3.91 27.04 8.77
CA ALA B 133 2.70 27.62 9.32
C ALA B 133 2.92 29.10 9.60
N ARG B 134 1.88 29.91 9.44
CA ARG B 134 2.02 31.34 9.65
C ARG B 134 1.75 31.76 11.08
N VAL B 135 0.97 30.95 11.81
CA VAL B 135 0.66 31.28 13.20
C VAL B 135 1.92 31.77 13.93
N SER B 136 1.75 32.77 14.79
CA SER B 136 2.88 33.34 15.53
C SER B 136 3.20 32.59 16.81
N VAL B 137 4.38 31.97 16.86
CA VAL B 137 4.76 31.23 18.06
C VAL B 137 5.01 32.19 19.23
N VAL B 138 5.63 33.33 18.94
CA VAL B 138 5.94 34.31 19.97
C VAL B 138 4.71 34.78 20.75
N GLU B 139 3.58 34.93 20.05
CA GLU B 139 2.35 35.33 20.73
C GLU B 139 1.95 34.24 21.72
N ALA B 140 2.12 32.98 21.33
CA ALA B 140 1.76 31.90 22.23
C ALA B 140 2.71 31.85 23.43
N LEU B 141 3.95 32.26 23.19
CA LEU B 141 4.96 32.26 24.26
C LEU B 141 4.73 33.36 25.28
N LYS B 142 4.37 34.56 24.80
CA LYS B 142 4.13 35.72 25.68
C LYS B 142 2.94 35.48 26.59
N GLU B 143 1.98 34.71 26.10
CA GLU B 143 0.78 34.38 26.85
C GLU B 143 1.11 33.42 28.00
N ASN B 144 2.22 32.68 27.86
CA ASN B 144 2.58 31.68 28.86
C ASN B 144 3.93 31.84 29.55
N ILE B 145 4.49 33.05 29.50
CA ILE B 145 5.79 33.32 30.13
C ILE B 145 5.90 32.77 31.54
N GLY B 146 4.84 32.96 32.33
CA GLY B 146 4.83 32.50 33.70
C GLY B 146 5.09 31.02 33.80
N GLU B 147 4.41 30.25 32.96
CA GLU B 147 4.59 28.81 32.98
C GLU B 147 6.00 28.42 32.51
N ILE B 148 6.53 29.13 31.52
CA ILE B 148 7.85 28.81 30.99
C ILE B 148 8.96 29.04 32.00
N LYS B 149 8.80 30.06 32.84
CA LYS B 149 9.79 30.38 33.87
C LYS B 149 9.89 29.22 34.88
N LYS B 150 8.80 28.47 35.04
CA LYS B 150 8.78 27.33 35.95
C LYS B 150 9.70 26.23 35.43
N LEU B 151 9.98 26.27 34.14
CA LEU B 151 10.82 25.27 33.50
C LEU B 151 12.29 25.38 33.91
N GLY B 152 12.75 26.59 34.13
CA GLY B 152 14.14 26.79 34.52
C GLY B 152 14.74 27.98 33.80
N ARG B 153 16.00 28.31 34.08
CA ARG B 153 16.64 29.43 33.42
C ARG B 153 17.23 28.96 32.09
N LYS B 154 18.01 27.88 32.15
CA LYS B 154 18.60 27.33 30.92
C LYS B 154 17.64 26.27 30.42
N ILE B 155 17.01 26.53 29.29
CA ILE B 155 16.02 25.61 28.74
C ILE B 155 16.30 25.13 27.32
N ILE B 156 15.87 23.92 27.02
CA ILE B 156 16.04 23.35 25.67
C ILE B 156 14.77 23.66 24.90
N VAL B 157 14.91 24.21 23.69
CA VAL B 157 13.74 24.54 22.90
C VAL B 157 13.67 23.71 21.65
N THR B 158 12.48 23.18 21.37
CA THR B 158 12.27 22.30 20.22
C THR B 158 10.93 22.63 19.57
N THR B 159 10.77 22.21 18.32
CA THR B 159 9.56 22.50 17.60
C THR B 159 9.49 21.55 16.41
N THR B 160 8.36 21.56 15.71
CA THR B 160 8.21 20.72 14.53
C THR B 160 8.51 21.55 13.29
N ALA B 161 8.67 20.88 12.16
CA ALA B 161 9.00 21.53 10.92
C ALA B 161 8.14 22.77 10.55
N GLN B 162 6.83 22.70 10.83
CA GLN B 162 5.91 23.79 10.51
C GLN B 162 6.17 25.11 11.21
N HIS B 163 6.95 25.10 12.29
CA HIS B 163 7.24 26.34 13.01
C HIS B 163 8.75 26.60 13.06
N ILE B 164 9.52 25.74 12.41
CA ILE B 164 10.97 25.87 12.43
C ILE B 164 11.46 27.22 11.93
N HIS B 165 10.73 27.83 11.00
CA HIS B 165 11.12 29.13 10.45
C HIS B 165 10.99 30.24 11.47
N GLN B 166 10.22 29.99 12.54
CA GLN B 166 10.03 30.99 13.58
C GLN B 166 10.81 30.64 14.85
N LEU B 167 11.68 29.64 14.78
CA LEU B 167 12.45 29.24 15.95
C LEU B 167 13.39 30.34 16.41
N LYS B 168 14.04 30.99 15.46
CA LYS B 168 14.97 32.07 15.77
C LYS B 168 14.27 33.20 16.55
N GLU B 169 13.06 33.59 16.12
CA GLU B 169 12.33 34.63 16.82
C GLU B 169 11.96 34.14 18.21
N ALA B 170 11.59 32.87 18.30
CA ALA B 170 11.23 32.34 19.62
C ALA B 170 12.47 32.41 20.51
N LYS B 171 13.63 32.02 19.99
CA LYS B 171 14.85 32.08 20.81
C LYS B 171 15.18 33.48 21.34
N GLU B 172 15.13 34.47 20.46
CA GLU B 172 15.42 35.86 20.84
C GLU B 172 14.38 36.37 21.82
N PHE B 173 13.14 35.94 21.67
CA PHE B 173 12.12 36.38 22.61
C PHE B 173 12.45 35.80 23.99
N LEU B 174 12.72 34.50 24.04
CA LEU B 174 13.02 33.86 25.32
C LEU B 174 14.27 34.44 25.95
N GLU B 175 15.25 34.81 25.12
CA GLU B 175 16.46 35.37 25.71
C GLU B 175 16.17 36.75 26.31
N SER B 176 15.26 37.49 25.68
CA SER B 176 14.91 38.82 26.16
C SER B 176 14.11 38.67 27.45
N GLU B 177 13.65 37.47 27.73
CA GLU B 177 12.89 37.21 28.95
C GLU B 177 13.76 36.60 30.02
N GLY B 178 15.06 36.51 29.77
CA GLY B 178 15.94 35.98 30.80
C GLY B 178 16.37 34.54 30.70
N PHE B 179 15.95 33.83 29.66
CA PHE B 179 16.35 32.44 29.51
C PHE B 179 17.64 32.28 28.72
N GLU B 180 18.30 31.15 28.94
CA GLU B 180 19.50 30.79 28.18
C GLU B 180 18.86 29.71 27.30
N VAL B 181 18.95 29.87 25.98
CA VAL B 181 18.33 28.90 25.10
C VAL B 181 19.28 27.89 24.47
N SER B 182 19.08 26.62 24.79
CA SER B 182 19.89 25.56 24.25
C SER B 182 19.12 24.84 23.15
N ILE B 183 19.69 24.86 21.95
CA ILE B 183 19.09 24.22 20.80
C ILE B 183 20.10 23.26 20.17
N GLY B 184 19.76 21.98 20.13
CA GLY B 184 20.63 20.98 19.55
C GLY B 184 20.55 20.83 18.04
N ARG B 185 21.66 20.43 17.42
CA ARG B 185 21.68 20.27 15.98
C ARG B 185 20.94 19.02 15.52
N GLY B 186 20.94 17.97 16.34
CA GLY B 186 20.28 16.75 15.92
C GLY B 186 21.16 15.91 15.01
N ASP B 187 20.60 14.85 14.42
CA ASP B 187 21.38 13.99 13.54
C ASP B 187 20.93 14.04 12.09
N SER B 188 21.36 13.04 11.29
CA SER B 188 21.03 13.00 9.87
C SER B 188 19.56 12.77 9.52
N ARG B 189 18.74 12.36 10.49
CA ARG B 189 17.31 12.16 10.24
C ARG B 189 16.64 13.52 10.31
N ILE B 190 17.32 14.47 10.95
CA ILE B 190 16.81 15.83 11.17
C ILE B 190 17.23 16.83 10.09
N SER B 191 16.35 17.79 9.79
CA SER B 191 16.63 18.80 8.77
C SER B 191 17.22 20.12 9.31
N TRP B 192 16.74 20.55 10.47
CA TRP B 192 17.20 21.80 11.07
C TRP B 192 17.41 21.68 12.56
N PRO B 193 18.35 22.45 13.11
CA PRO B 193 18.59 22.39 14.55
C PRO B 193 17.27 22.74 15.25
N GLY B 194 16.99 22.06 16.36
CA GLY B 194 15.77 22.33 17.13
C GLY B 194 14.51 21.63 16.64
N GLN B 195 14.62 20.93 15.52
CA GLN B 195 13.49 20.21 14.96
C GLN B 195 13.38 18.77 15.48
N VAL B 196 12.19 18.39 15.96
CA VAL B 196 11.99 17.01 16.41
C VAL B 196 11.04 16.33 15.43
N LEU B 197 11.10 15.01 15.37
CA LEU B 197 10.20 14.22 14.55
C LEU B 197 9.57 13.29 15.57
N GLY B 198 8.47 12.63 15.22
CA GLY B 198 7.85 11.73 16.17
C GLY B 198 8.78 10.58 16.53
N CYS B 199 9.65 10.21 15.59
CA CYS B 199 10.58 9.11 15.78
C CYS B 199 12.01 9.56 16.06
N ASN B 200 12.23 10.84 16.36
CA ASN B 200 13.61 11.30 16.59
C ASN B 200 13.70 12.59 17.36
N TYR B 201 14.31 12.49 18.55
CA TYR B 201 14.46 13.66 19.42
C TYR B 201 15.92 14.01 19.66
N SER B 202 16.78 13.74 18.68
CA SER B 202 18.21 14.04 18.81
C SER B 202 18.54 15.52 19.12
N VAL B 203 17.74 16.47 18.63
CA VAL B 203 18.04 17.88 18.93
C VAL B 203 17.80 18.22 20.39
N ALA B 204 17.07 17.36 21.11
CA ALA B 204 16.78 17.61 22.51
C ALA B 204 17.78 16.96 23.47
N LYS B 205 18.70 16.16 22.94
CA LYS B 205 19.68 15.48 23.80
C LYS B 205 20.85 16.42 24.11
N VAL B 206 20.56 17.52 24.80
CA VAL B 206 21.58 18.49 25.17
C VAL B 206 21.39 18.83 26.64
N ARG B 207 22.16 19.79 27.13
CA ARG B 207 22.06 20.19 28.53
C ARG B 207 20.95 21.21 28.75
N GLY B 208 20.24 21.08 29.87
CA GLY B 208 19.19 22.02 30.20
C GLY B 208 18.41 21.57 31.41
N GLU B 209 17.73 22.50 32.08
CA GLU B 209 16.94 22.16 33.25
C GLU B 209 15.58 21.61 32.83
N GLY B 210 15.18 21.92 31.60
CA GLY B 210 13.88 21.45 31.13
C GLY B 210 13.72 21.67 29.64
N ILE B 211 12.66 21.10 29.07
CA ILE B 211 12.43 21.23 27.64
C ILE B 211 11.14 21.96 27.27
N LEU B 212 11.24 22.92 26.37
CA LEU B 212 10.07 23.63 25.88
C LEU B 212 9.77 23.06 24.50
N PHE B 213 8.55 22.58 24.29
CA PHE B 213 8.15 22.06 22.98
C PHE B 213 7.08 23.00 22.40
N ILE B 214 7.35 23.50 21.20
CA ILE B 214 6.44 24.42 20.50
C ILE B 214 5.75 23.67 19.37
N GLY B 215 4.46 23.45 19.53
CA GLY B 215 3.69 22.73 18.53
C GLY B 215 2.45 22.14 19.16
N SER B 216 1.64 21.46 18.36
CA SER B 216 0.40 20.87 18.85
C SER B 216 0.54 19.37 19.02
N GLY B 217 -0.47 18.79 19.67
CA GLY B 217 -0.47 17.35 19.89
C GLY B 217 0.32 16.95 21.12
N ILE B 218 0.16 15.71 21.55
CA ILE B 218 0.87 15.23 22.72
C ILE B 218 1.95 14.21 22.44
N PHE B 219 1.97 13.67 21.21
CA PHE B 219 2.95 12.64 20.87
C PHE B 219 4.40 13.14 20.95
N HIS B 220 4.70 14.27 20.31
CA HIS B 220 6.06 14.80 20.37
C HIS B 220 6.48 15.11 21.81
N PRO B 221 5.68 15.90 22.54
CA PRO B 221 6.01 16.26 23.93
C PRO B 221 6.22 14.99 24.80
N LEU B 222 5.37 13.99 24.57
CA LEU B 222 5.46 12.74 25.32
C LEU B 222 6.78 12.01 25.02
N GLY B 223 7.14 11.92 23.74
CA GLY B 223 8.37 11.28 23.34
C GLY B 223 9.56 11.99 23.94
N LEU B 224 9.52 13.33 23.93
CA LEU B 224 10.58 14.13 24.49
C LEU B 224 10.73 13.83 25.99
N ALA B 225 9.62 13.78 26.71
CA ALA B 225 9.69 13.52 28.14
C ALA B 225 10.28 12.15 28.44
N VAL B 226 9.88 11.14 27.67
CA VAL B 226 10.39 9.80 27.89
C VAL B 226 11.84 9.64 27.45
N ALA B 227 12.17 10.19 26.29
CA ALA B 227 13.52 10.09 25.75
C ALA B 227 14.61 10.83 26.52
N THR B 228 14.25 11.95 27.17
CA THR B 228 15.24 12.74 27.89
C THR B 228 15.18 12.71 29.41
N ARG B 229 14.06 12.24 29.96
CA ARG B 229 13.87 12.20 31.40
C ARG B 229 13.88 13.60 32.03
N LYS B 230 13.69 14.62 31.22
CA LYS B 230 13.60 15.98 31.76
C LYS B 230 12.12 16.39 31.71
N LYS B 231 11.80 17.43 32.49
CA LYS B 231 10.45 17.98 32.57
C LYS B 231 10.19 18.68 31.23
N VAL B 232 8.99 18.49 30.69
CA VAL B 232 8.65 19.08 29.41
C VAL B 232 7.39 19.91 29.50
N LEU B 233 7.43 21.09 28.89
CA LEU B 233 6.28 21.97 28.83
C LEU B 233 5.96 22.13 27.36
N ALA B 234 4.73 21.79 26.98
CA ALA B 234 4.28 21.91 25.60
C ALA B 234 3.37 23.14 25.50
N ILE B 235 3.59 23.93 24.44
CA ILE B 235 2.78 25.11 24.19
C ILE B 235 2.30 25.04 22.73
N ASP B 236 0.99 25.01 22.56
CA ASP B 236 0.35 24.91 21.25
C ASP B 236 0.19 26.32 20.68
N PRO B 237 0.92 26.63 19.60
CA PRO B 237 0.87 27.95 18.96
C PRO B 237 -0.53 28.41 18.53
N TYR B 238 -1.39 27.48 18.11
CA TYR B 238 -2.73 27.87 17.67
C TYR B 238 -3.65 28.25 18.81
N THR B 239 -3.81 27.36 19.79
CA THR B 239 -4.68 27.63 20.93
C THR B 239 -4.03 28.44 22.03
N LYS B 240 -2.70 28.51 22.00
CA LYS B 240 -1.93 29.22 23.03
C LYS B 240 -2.07 28.53 24.38
N ALA B 241 -2.64 27.33 24.36
CA ALA B 241 -2.82 26.54 25.57
C ALA B 241 -1.48 25.88 25.92
N PHE B 242 -1.29 25.52 27.19
CA PHE B 242 -0.05 24.88 27.63
C PHE B 242 -0.32 23.56 28.32
N SER B 243 0.68 22.69 28.32
CA SER B 243 0.52 21.40 28.96
C SER B 243 1.82 20.88 29.59
N TRP B 244 1.77 20.55 30.88
CA TRP B 244 2.93 20.01 31.57
C TRP B 244 2.84 18.50 31.40
N ILE B 245 3.75 17.93 30.63
CA ILE B 245 3.74 16.50 30.36
C ILE B 245 4.02 15.59 31.57
N ASP B 246 3.23 14.53 31.68
CA ASP B 246 3.37 13.54 32.74
C ASP B 246 3.34 12.23 31.98
N PRO B 247 4.53 11.65 31.72
CA PRO B 247 4.63 10.39 30.98
C PRO B 247 4.02 9.15 31.65
N GLU B 248 3.84 9.23 32.96
CA GLU B 248 3.30 8.16 33.79
C GLU B 248 2.14 7.36 33.18
N ARG B 249 1.01 8.02 32.93
CA ARG B 249 -0.13 7.33 32.35
C ARG B 249 0.24 6.59 31.07
N PHE B 250 1.07 7.21 30.25
CA PHE B 250 1.48 6.59 29.00
C PHE B 250 2.30 5.33 29.23
N ILE B 251 3.31 5.44 30.10
CA ILE B 251 4.18 4.31 30.39
C ILE B 251 3.40 3.18 31.04
N ARG B 252 2.36 3.52 31.81
CA ARG B 252 1.53 2.52 32.47
C ARG B 252 0.78 1.72 31.42
N LYS B 253 0.09 2.43 30.51
CA LYS B 253 -0.69 1.78 29.47
C LYS B 253 0.20 0.92 28.57
N ARG B 254 1.47 1.29 28.45
CA ARG B 254 2.39 0.51 27.64
C ARG B 254 2.78 -0.76 28.37
N TRP B 255 3.02 -0.64 29.68
CA TRP B 255 3.39 -1.81 30.48
C TRP B 255 2.26 -2.82 30.48
N ALA B 256 1.03 -2.32 30.45
CA ALA B 256 -0.14 -3.18 30.43
C ALA B 256 -0.09 -4.00 29.14
N GLN B 257 0.38 -3.36 28.07
CA GLN B 257 0.52 -4.02 26.79
C GLN B 257 1.66 -5.04 26.88
N ILE B 258 2.72 -4.68 27.60
CA ILE B 258 3.86 -5.58 27.76
C ILE B 258 3.44 -6.81 28.56
N ALA B 259 2.64 -6.58 29.61
CA ALA B 259 2.16 -7.68 30.44
C ALA B 259 1.41 -8.71 29.59
N LYS B 260 0.42 -8.24 28.82
CA LYS B 260 -0.36 -9.12 27.96
C LYS B 260 0.51 -9.96 27.02
N ALA B 261 1.60 -9.38 26.54
CA ALA B 261 2.47 -10.09 25.63
C ALA B 261 3.33 -11.12 26.35
N MET B 262 3.50 -10.97 27.66
CA MET B 262 4.32 -11.91 28.40
C MET B 262 3.84 -13.36 28.36
N ASP B 263 2.55 -13.54 28.08
CA ASP B 263 1.98 -14.88 27.99
C ASP B 263 2.06 -15.45 26.57
N ALA B 264 2.42 -14.61 25.60
CA ALA B 264 2.48 -15.06 24.21
C ALA B 264 3.66 -15.95 23.85
N LYS B 265 3.43 -16.86 22.92
CA LYS B 265 4.47 -17.77 22.48
C LYS B 265 4.81 -17.51 21.01
N LYS B 266 3.89 -16.90 20.29
CA LYS B 266 4.08 -16.64 18.87
C LYS B 266 4.11 -15.16 18.50
N PHE B 267 5.23 -14.71 17.94
CA PHE B 267 5.39 -13.30 17.59
C PHE B 267 5.60 -13.02 16.11
N GLY B 268 5.06 -11.89 15.66
CA GLY B 268 5.27 -11.44 14.29
C GLY B 268 6.17 -10.21 14.40
N VAL B 269 7.29 -10.15 13.67
CA VAL B 269 8.19 -8.99 13.76
C VAL B 269 8.10 -8.27 12.42
N ILE B 270 7.50 -7.08 12.47
CA ILE B 270 7.21 -6.28 11.28
C ILE B 270 8.18 -5.20 10.85
N VAL B 271 8.50 -5.18 9.56
CA VAL B 271 9.33 -4.13 9.01
C VAL B 271 8.54 -3.52 7.87
N SER B 272 8.92 -2.31 7.49
CA SER B 272 8.31 -1.59 6.39
C SER B 272 9.38 -1.37 5.32
N ILE B 273 8.98 -1.42 4.06
CA ILE B 273 9.91 -1.25 2.96
C ILE B 273 10.19 0.20 2.62
N LYS B 274 9.43 1.12 3.21
CA LYS B 274 9.62 2.56 2.97
C LYS B 274 11.10 2.84 3.28
N LYS B 275 11.77 3.52 2.35
CA LYS B 275 13.20 3.79 2.50
C LYS B 275 13.70 4.24 3.86
N GLY B 276 13.10 5.29 4.42
CA GLY B 276 13.54 5.75 5.71
C GLY B 276 12.96 5.00 6.89
N GLN B 277 12.26 3.90 6.63
CA GLN B 277 11.65 3.13 7.71
C GLN B 277 12.16 1.69 7.84
N LEU B 278 12.85 1.20 6.83
CA LEU B 278 13.36 -0.16 6.84
C LEU B 278 14.47 -0.37 7.85
N ARG B 279 14.21 -1.26 8.80
CA ARG B 279 15.16 -1.58 9.86
C ARG B 279 15.28 -3.11 9.91
N LEU B 280 15.81 -3.68 8.84
CA LEU B 280 15.93 -5.13 8.71
C LEU B 280 16.88 -5.82 9.68
N ALA B 281 18.08 -5.27 9.87
CA ALA B 281 19.04 -5.87 10.78
C ALA B 281 18.44 -5.92 12.16
N GLU B 282 17.78 -4.84 12.54
CA GLU B 282 17.17 -4.77 13.85
C GLU B 282 16.02 -5.77 13.97
N ALA B 283 15.27 -5.95 12.89
CA ALA B 283 14.14 -6.88 12.93
C ALA B 283 14.69 -8.31 13.05
N LYS B 284 15.65 -8.64 12.19
CA LYS B 284 16.27 -9.96 12.23
C LYS B 284 16.84 -10.28 13.62
N ARG B 285 17.32 -9.26 14.32
CA ARG B 285 17.89 -9.45 15.65
C ARG B 285 16.81 -9.73 16.70
N ILE B 286 15.65 -9.09 16.54
CA ILE B 286 14.54 -9.29 17.46
C ILE B 286 14.01 -10.72 17.29
N VAL B 287 14.04 -11.20 16.05
CA VAL B 287 13.57 -12.55 15.74
C VAL B 287 14.48 -13.56 16.43
N LYS B 288 15.78 -13.40 16.21
CA LYS B 288 16.78 -14.28 16.79
C LYS B 288 16.65 -14.25 18.30
N LEU B 289 16.42 -13.05 18.83
CA LEU B 289 16.29 -12.85 20.26
C LEU B 289 15.04 -13.50 20.87
N LEU B 290 13.91 -13.43 20.18
CA LEU B 290 12.70 -14.04 20.71
C LEU B 290 12.86 -15.56 20.67
N LYS B 291 13.54 -16.08 19.66
CA LYS B 291 13.75 -17.51 19.58
C LYS B 291 14.64 -18.00 20.73
N LYS B 292 15.73 -17.28 20.98
CA LYS B 292 16.64 -17.63 22.07
C LYS B 292 15.90 -17.80 23.40
N HIS B 293 14.89 -16.97 23.62
CA HIS B 293 14.14 -17.04 24.87
C HIS B 293 12.89 -17.91 24.76
N GLY B 294 12.96 -18.90 23.89
CA GLY B 294 11.85 -19.83 23.74
C GLY B 294 10.54 -19.36 23.12
N ARG B 295 10.60 -18.32 22.28
CA ARG B 295 9.40 -17.84 21.61
C ARG B 295 9.52 -18.17 20.14
N GLU B 296 8.39 -18.31 19.46
CA GLU B 296 8.43 -18.53 18.02
C GLU B 296 8.41 -17.10 17.45
N ALA B 297 9.10 -16.86 16.36
CA ALA B 297 9.12 -15.51 15.78
C ALA B 297 9.21 -15.53 14.26
N ARG B 298 8.51 -14.59 13.64
CA ARG B 298 8.49 -14.51 12.18
C ARG B 298 8.65 -13.06 11.71
N LEU B 299 9.58 -12.84 10.78
CA LEU B 299 9.83 -11.54 10.20
C LEU B 299 8.71 -11.34 9.18
N ILE B 300 8.01 -10.21 9.26
CA ILE B 300 6.93 -9.89 8.33
C ILE B 300 7.27 -8.61 7.56
N VAL B 301 7.19 -8.66 6.23
CA VAL B 301 7.49 -7.51 5.38
C VAL B 301 6.23 -6.84 4.84
N MET B 302 6.11 -5.53 5.08
CA MET B 302 4.96 -4.74 4.62
C MET B 302 5.43 -3.38 4.07
N ASN B 303 4.47 -2.57 3.64
CA ASN B 303 4.80 -1.22 3.20
C ASN B 303 4.10 -0.36 4.26
N ASP B 304 2.79 -0.18 4.15
CA ASP B 304 2.09 0.57 5.19
C ASP B 304 1.86 -0.48 6.26
N VAL B 305 2.18 -0.16 7.52
CA VAL B 305 1.97 -1.11 8.60
C VAL B 305 0.59 -0.93 9.21
N ASN B 306 -0.35 -1.76 8.77
CA ASN B 306 -1.73 -1.72 9.27
C ASN B 306 -2.01 -3.05 9.94
N TYR B 307 -2.41 -3.00 11.20
CA TYR B 307 -2.72 -4.22 11.95
C TYR B 307 -3.82 -4.98 11.22
N HIS B 308 -4.70 -4.25 10.56
CA HIS B 308 -5.83 -4.80 9.83
C HIS B 308 -5.42 -5.90 8.86
N LYS B 309 -4.27 -5.72 8.21
CA LYS B 309 -3.81 -6.73 7.26
C LYS B 309 -3.27 -8.00 7.90
N LEU B 310 -3.00 -7.96 9.20
CA LEU B 310 -2.42 -9.12 9.89
C LEU B 310 -3.38 -10.00 10.71
N GLU B 311 -4.64 -9.61 10.79
CA GLU B 311 -5.61 -10.34 11.60
C GLU B 311 -5.74 -11.85 11.34
N GLY B 312 -5.50 -12.29 10.12
CA GLY B 312 -5.60 -13.70 9.81
C GLY B 312 -4.38 -14.56 10.15
N PHE B 313 -3.28 -13.92 10.55
CA PHE B 313 -2.07 -14.67 10.88
C PHE B 313 -2.24 -15.29 12.28
N PRO B 314 -1.46 -16.34 12.59
CA PRO B 314 -1.59 -16.99 13.89
C PRO B 314 -0.87 -16.33 15.06
N PHE B 315 -0.07 -15.30 14.80
CA PHE B 315 0.67 -14.64 15.87
C PHE B 315 -0.17 -14.08 17.01
N GLU B 316 0.34 -14.22 18.23
CA GLU B 316 -0.36 -13.76 19.42
C GLU B 316 0.04 -12.36 19.86
N ALA B 317 1.21 -11.93 19.43
CA ALA B 317 1.70 -10.60 19.80
C ALA B 317 2.56 -10.12 18.65
N TYR B 318 2.71 -8.81 18.53
CA TYR B 318 3.49 -8.24 17.45
C TYR B 318 4.54 -7.23 17.90
N VAL B 319 5.62 -7.14 17.15
CA VAL B 319 6.65 -6.15 17.43
C VAL B 319 6.83 -5.40 16.13
N VAL B 320 6.67 -4.09 16.17
CA VAL B 320 6.81 -3.31 14.95
C VAL B 320 8.18 -2.63 14.99
N VAL B 321 8.98 -2.88 13.97
CA VAL B 321 10.31 -2.32 13.88
C VAL B 321 10.35 -1.43 12.65
N ALA B 322 9.72 -0.27 12.77
CA ALA B 322 9.65 0.69 11.68
C ALA B 322 9.31 2.02 12.32
N CYS B 323 8.20 2.63 11.91
CA CYS B 323 7.82 3.89 12.51
C CYS B 323 7.20 3.58 13.87
N PRO B 324 7.74 4.16 14.96
CA PRO B 324 7.22 3.94 16.32
C PRO B 324 5.82 4.50 16.56
N ARG B 325 5.37 5.39 15.67
CA ARG B 325 4.06 5.96 15.84
C ARG B 325 3.02 4.85 15.76
N VAL B 326 3.36 3.75 15.08
CA VAL B 326 2.40 2.66 14.93
C VAL B 326 2.07 1.95 16.22
N PRO B 327 3.09 1.40 16.92
CA PRO B 327 2.75 0.72 18.17
C PRO B 327 2.48 1.67 19.33
N LEU B 328 3.11 2.85 19.28
CA LEU B 328 3.02 3.84 20.35
C LEU B 328 1.91 4.88 20.28
N ASP B 329 1.18 4.94 19.17
CA ASP B 329 0.14 5.96 19.07
C ASP B 329 -1.22 5.42 18.66
N TRP B 334 -5.36 -2.51 17.42
CA TRP B 334 -4.65 -3.78 17.55
C TRP B 334 -5.30 -4.68 18.59
N ARG B 335 -5.93 -5.75 18.12
CA ARG B 335 -6.59 -6.70 19.01
C ARG B 335 -5.56 -7.52 19.79
N LYS B 336 -4.32 -7.51 19.30
CA LYS B 336 -3.23 -8.22 19.96
C LYS B 336 -2.15 -7.22 20.37
N PRO B 337 -1.35 -7.56 21.40
CA PRO B 337 -0.31 -6.64 21.85
C PRO B 337 0.67 -6.30 20.72
N VAL B 338 0.92 -5.02 20.51
CA VAL B 338 1.85 -4.61 19.46
C VAL B 338 2.91 -3.81 20.21
N LEU B 339 4.18 -4.13 19.99
CA LEU B 339 5.22 -3.46 20.76
C LEU B 339 6.38 -2.95 19.94
N THR B 340 7.22 -2.14 20.56
CA THR B 340 8.41 -1.63 19.89
C THR B 340 9.56 -2.54 20.29
N PRO B 341 10.69 -2.44 19.59
CA PRO B 341 11.84 -3.28 19.91
C PRO B 341 12.27 -3.09 21.38
N LYS B 342 12.20 -1.86 21.87
CA LYS B 342 12.59 -1.60 23.25
C LYS B 342 11.67 -2.33 24.21
N GLU B 343 10.37 -2.26 23.96
CA GLU B 343 9.43 -2.92 24.84
C GLU B 343 9.60 -4.44 24.80
N VAL B 344 9.95 -5.00 23.65
CA VAL B 344 10.10 -6.44 23.60
C VAL B 344 11.31 -6.81 24.46
N GLU B 345 12.29 -5.92 24.52
CA GLU B 345 13.46 -6.17 25.33
C GLU B 345 13.06 -6.21 26.81
N ILE B 346 12.20 -5.27 27.18
CA ILE B 346 11.68 -5.20 28.53
C ILE B 346 10.88 -6.47 28.82
N LEU B 347 10.03 -6.86 27.88
CA LEU B 347 9.23 -8.07 28.05
C LEU B 347 10.10 -9.29 28.33
N LEU B 348 11.22 -9.41 27.61
CA LEU B 348 12.13 -10.53 27.78
C LEU B 348 13.05 -10.29 28.97
N GLY B 349 12.75 -9.25 29.74
CA GLY B 349 13.56 -8.91 30.90
C GLY B 349 14.98 -8.47 30.62
N LEU B 350 15.32 -8.23 29.35
CA LEU B 350 16.67 -7.81 28.98
C LEU B 350 16.85 -6.29 29.05
N ARG B 351 15.83 -5.59 29.54
CA ARG B 351 15.87 -4.13 29.68
C ARG B 351 14.92 -3.81 30.84
N GLU B 352 15.33 -2.88 31.69
CA GLU B 352 14.52 -2.53 32.85
C GLU B 352 13.76 -1.23 32.70
N GLU B 353 14.47 -0.16 32.37
CA GLU B 353 13.84 1.15 32.24
C GLU B 353 13.07 1.33 30.93
N TYR B 354 11.89 1.90 30.99
CA TYR B 354 11.12 2.12 29.79
C TYR B 354 11.83 3.12 28.90
N GLU B 355 11.81 2.84 27.59
CA GLU B 355 12.48 3.71 26.62
C GLU B 355 11.60 3.92 25.38
N PHE B 356 11.68 5.11 24.77
CA PHE B 356 10.90 5.43 23.58
C PHE B 356 11.70 4.94 22.39
N ASP B 357 11.03 4.35 21.41
CA ASP B 357 11.70 3.83 20.22
C ASP B 357 11.97 5.01 19.30
N GLU B 358 13.18 5.08 18.77
CA GLU B 358 13.59 6.16 17.88
C GLU B 358 14.35 5.60 16.72
N ILE B 359 14.34 6.32 15.61
CA ILE B 359 15.10 5.93 14.45
C ILE B 359 16.19 7.00 14.45
N LEU B 360 17.42 6.60 14.80
CA LEU B 360 18.51 7.56 14.83
C LEU B 360 19.31 7.57 13.54
N GLY B 361 19.95 8.70 13.28
CA GLY B 361 20.79 8.80 12.10
C GLY B 361 22.19 9.05 12.61
N GLY B 362 23.15 9.21 11.71
CA GLY B 362 24.52 9.48 12.14
C GLY B 362 24.71 10.98 12.14
N PRO B 363 25.93 11.48 12.33
CA PRO B 363 26.17 12.93 12.35
C PRO B 363 25.74 13.61 11.04
N ARG B 364 25.30 14.86 11.15
CA ARG B 364 24.86 15.60 9.96
C ARG B 364 25.80 16.77 9.71
N GLU B 365 26.31 16.87 8.48
CA GLU B 365 27.25 17.93 8.13
C GLU B 365 26.60 19.31 8.08
N SER B 366 25.66 19.49 7.15
CA SER B 366 25.00 20.78 7.01
C SER B 366 23.53 20.77 7.39
N ASP B 367 22.88 21.91 7.19
CA ASP B 367 21.47 22.07 7.53
C ASP B 367 20.70 22.33 6.26
N GLU B 368 19.42 21.99 6.24
CA GLU B 368 18.59 22.22 5.07
C GLU B 368 18.22 23.68 5.06
N PRO B 369 17.81 24.20 3.90
CA PRO B 369 17.43 25.62 3.82
C PRO B 369 16.01 25.83 4.31
N PHE B 370 15.69 27.06 4.68
CA PHE B 370 14.35 27.40 5.13
C PHE B 370 13.52 27.71 3.88
N GLY B 371 13.47 26.72 2.98
CA GLY B 371 12.76 26.84 1.73
C GLY B 371 12.98 25.55 0.96
N ILE B 372 12.67 25.52 -0.33
CA ILE B 372 12.83 24.29 -1.10
C ILE B 372 14.28 23.83 -1.17
N SER B 373 14.47 22.57 -1.54
CA SER B 373 15.80 21.98 -1.68
C SER B 373 15.74 20.92 -2.77
N ILE B 374 16.89 20.61 -3.36
CA ILE B 374 16.97 19.58 -4.40
C ILE B 374 17.99 18.55 -3.97
N HIS B 375 17.64 17.28 -4.09
CA HIS B 375 18.57 16.22 -3.69
C HIS B 375 18.58 15.12 -4.74
N SER B 376 19.76 14.53 -4.96
CA SER B 376 19.91 13.46 -5.95
C SER B 376 20.76 12.31 -5.43
N THR B 377 20.74 11.19 -6.15
CA THR B 377 21.51 9.99 -5.82
C THR B 377 21.07 9.33 -4.50
#